data_2EBF
#
_entry.id   2EBF
#
_cell.length_a   110.971
_cell.length_b   150.406
_cell.length_c   77.139
_cell.angle_alpha   90.00
_cell.angle_beta   105.46
_cell.angle_gamma   90.00
#
_symmetry.space_group_name_H-M   'C 1 2 1'
#
loop_
_entity.id
_entity.type
_entity.pdbx_description
1 polymer 'Dermonecrotic toxin'
2 branched alpha-D-glucopyranose-(1-1)-alpha-D-glucopyranose
3 non-polymer PHOSPHONATE
4 water water
#
_entity_poly.entity_id   1
_entity_poly.type   'polypeptide(L)'
_entity_poly.pdbx_seq_one_letter_code
;MGHHHHHHDYDIPTTENLYFQGAHMGIQRVSNAKLLGGSPYSPFRIGLEGVWTPEVLKARASVIGKPIGESYKRILAKLQ
RIHNSNILDERQGLMHELMELIDLYEESQPSSERLNAFRELRTQLEKALYLPEMEALKKQILQIPNKGSGAARFLLRTAM
NEMAGKTSESTADLIRFALQDTVISAPFRGYAGAIPEAIDFPVKYVIEDISVFDKIQTNYWELPAYESWNEGSNSALLPG
LLRESQSKGMLSKCRIIENSLYIGHSYEEMFYSISPYSNQVGGPYELYPFTFFSMLQEVQGDLGFEQAFATRNFFNTLVS
DRLSLMENTMLLTESFDYTPWDAIYGDINYDEQFAAMSINERIEKCMNTYRGVAFQNSSKSIDFFLNNLTTFIDNGLTEI
AISDLPYDIVQQEISQFLQGSNEWKTLDAMLFNLDKGDINGAFRKLLQSAKDNNIKFRAIGHSDNSVPPFNNPYKSLYYK
GNIIAEAIEKLDREGQKFVVFADSSLLNSTPGTGRPMPGLVQYLKIPATVVDSDGAWQFLPDVASSRVPIEVTELENWQV
LTPPQGKILGLKQFKLTAGFPTEQSRLPLLENSVSEDLREELMQKIDAIKNDVKMNSLVCMEAGSCDSVSPKVAARLKDM
GLEAGMGASITWWRREGGMEFSHQMHTTASFKFAGKEFAVDASHLQFVHDQLDTTILILPVDDWALEIAQRNRAINPFVE
YVSKTGNMLALFMPPLFTKPRLTRAL
;
_entity_poly.pdbx_strand_id   X
#
loop_
_chem_comp.id
_chem_comp.type
_chem_comp.name
_chem_comp.formula
2PO non-polymer PHOSPHONATE 'H O3 P -2'
GLC D-saccharide, alpha linking alpha-D-glucopyranose 'C6 H12 O6'
#
# COMPACT_ATOMS: atom_id res chain seq x y z
N LEU A 36 -11.19 -24.23 -3.06
CA LEU A 36 -10.49 -24.08 -4.38
C LEU A 36 -9.61 -22.83 -4.39
N GLY A 37 -8.33 -23.01 -4.06
CA GLY A 37 -7.33 -21.95 -4.20
C GLY A 37 -6.72 -22.05 -5.59
N GLY A 38 -7.48 -21.62 -6.59
CA GLY A 38 -7.12 -21.75 -8.01
C GLY A 38 -8.25 -22.34 -8.86
N SER A 39 -9.45 -21.78 -8.74
CA SER A 39 -10.64 -22.39 -9.37
C SER A 39 -10.73 -22.24 -10.88
N PRO A 40 -11.10 -23.34 -11.58
CA PRO A 40 -11.37 -23.30 -13.02
C PRO A 40 -12.58 -22.44 -13.35
N TYR A 41 -13.37 -22.09 -12.34
CA TYR A 41 -14.58 -21.27 -12.57
C TYR A 41 -14.35 -19.79 -12.32
N SER A 42 -13.19 -19.42 -11.80
CA SER A 42 -12.88 -18.02 -11.54
C SER A 42 -12.58 -17.28 -12.83
N PRO A 43 -13.14 -16.05 -13.01
CA PRO A 43 -12.74 -15.25 -14.17
C PRO A 43 -11.26 -14.86 -14.12
N PHE A 44 -10.64 -14.93 -12.95
CA PHE A 44 -9.27 -14.45 -12.75
C PHE A 44 -8.23 -15.56 -12.72
N ARG A 45 -8.49 -16.64 -13.45
CA ARG A 45 -7.62 -17.81 -13.35
C ARG A 45 -6.35 -17.70 -14.21
N ILE A 46 -6.24 -16.61 -14.98
CA ILE A 46 -5.02 -16.33 -15.79
C ILE A 46 -4.68 -17.54 -16.67
N GLY A 47 -5.69 -18.02 -17.39
CA GLY A 47 -5.57 -19.21 -18.22
C GLY A 47 -4.65 -18.95 -19.40
N LEU A 48 -3.88 -19.98 -19.76
CA LEU A 48 -2.89 -19.87 -20.86
C LEU A 48 -3.30 -20.56 -22.16
N GLU A 49 -4.58 -20.90 -22.29
CA GLU A 49 -5.08 -21.60 -23.49
C GLU A 49 -4.90 -20.81 -24.78
N GLY A 50 -4.85 -19.48 -24.67
CA GLY A 50 -4.71 -18.62 -25.83
C GLY A 50 -3.34 -17.99 -26.01
N VAL A 51 -2.35 -18.50 -25.29
CA VAL A 51 -1.00 -17.98 -25.36
C VAL A 51 -0.11 -19.07 -25.92
N TRP A 52 0.62 -18.75 -26.99
CA TRP A 52 1.53 -19.68 -27.64
C TRP A 52 2.54 -20.23 -26.65
N THR A 53 2.89 -21.51 -26.83
CA THR A 53 4.00 -22.12 -26.12
C THR A 53 5.31 -21.78 -26.86
N PRO A 54 6.47 -21.97 -26.21
CA PRO A 54 7.77 -21.69 -26.85
C PRO A 54 7.99 -22.42 -28.19
N GLU A 55 7.58 -23.69 -28.30
CA GLU A 55 7.73 -24.43 -29.56
C GLU A 55 6.94 -23.78 -30.70
N VAL A 56 5.75 -23.31 -30.38
CA VAL A 56 4.94 -22.64 -31.38
C VAL A 56 5.60 -21.31 -31.80
N LEU A 57 6.06 -20.54 -30.81
CA LEU A 57 6.77 -19.29 -31.09
C LEU A 57 7.97 -19.50 -32.01
N LYS A 58 8.73 -20.56 -31.73
CA LYS A 58 9.95 -20.92 -32.47
C LYS A 58 9.73 -21.03 -33.97
N ALA A 59 8.59 -21.62 -34.35
CA ALA A 59 8.26 -21.78 -35.76
C ALA A 59 7.75 -20.46 -36.36
N ARG A 60 6.95 -19.72 -35.58
CA ARG A 60 6.37 -18.47 -36.05
C ARG A 60 7.41 -17.36 -36.20
N ALA A 61 8.38 -17.34 -35.29
CA ALA A 61 9.37 -16.28 -35.24
C ALA A 61 10.71 -16.68 -35.86
N SER A 62 10.74 -17.82 -36.55
CA SER A 62 11.98 -18.28 -37.17
C SER A 62 12.33 -17.43 -38.39
N VAL A 63 13.63 -17.17 -38.54
CA VAL A 63 14.18 -16.47 -39.70
C VAL A 63 15.29 -17.34 -40.29
N ILE A 64 15.15 -17.68 -41.57
CA ILE A 64 15.99 -18.70 -42.24
C ILE A 64 17.50 -18.62 -41.95
N GLY A 65 18.10 -17.44 -42.16
CA GLY A 65 19.55 -17.31 -42.01
C GLY A 65 20.00 -16.75 -40.67
N LYS A 66 19.03 -16.37 -39.83
CA LYS A 66 19.30 -15.67 -38.57
C LYS A 66 19.34 -16.63 -37.38
N PRO A 67 20.50 -16.71 -36.69
CA PRO A 67 20.57 -17.49 -35.45
C PRO A 67 19.84 -16.78 -34.30
N ILE A 68 19.50 -17.53 -33.27
CA ILE A 68 18.81 -16.98 -32.11
C ILE A 68 19.74 -16.12 -31.27
N GLY A 69 19.47 -14.81 -31.27
CA GLY A 69 20.21 -13.83 -30.46
C GLY A 69 19.81 -13.85 -29.00
N GLU A 70 20.47 -13.02 -28.19
CA GLU A 70 20.26 -13.00 -26.76
C GLU A 70 18.86 -12.51 -26.36
N SER A 71 18.37 -11.49 -27.05
CA SER A 71 17.03 -10.94 -26.78
C SER A 71 15.95 -11.99 -27.01
N TYR A 72 16.04 -12.68 -28.14
CA TYR A 72 15.10 -13.72 -28.51
C TYR A 72 15.16 -14.91 -27.55
N LYS A 73 16.38 -15.33 -27.19
CA LYS A 73 16.56 -16.39 -26.20
C LYS A 73 15.85 -16.07 -24.88
N ARG A 74 16.00 -14.84 -24.40
CA ARG A 74 15.36 -14.44 -23.14
C ARG A 74 13.84 -14.37 -23.25
N ILE A 75 13.34 -14.03 -24.44
CA ILE A 75 11.91 -14.05 -24.70
C ILE A 75 11.35 -15.49 -24.62
N LEU A 76 12.04 -16.42 -25.28
CA LEU A 76 11.68 -17.85 -25.25
C LEU A 76 11.76 -18.42 -23.84
N ALA A 77 12.80 -18.04 -23.11
CA ALA A 77 12.99 -18.48 -21.72
C ALA A 77 11.84 -18.01 -20.84
N LYS A 78 11.47 -16.74 -20.96
CA LYS A 78 10.38 -16.17 -20.18
C LYS A 78 9.02 -16.80 -20.55
N LEU A 79 8.81 -17.06 -21.83
CA LEU A 79 7.57 -17.72 -22.26
C LEU A 79 7.48 -19.10 -21.61
N GLN A 80 8.59 -19.81 -21.56
CA GLN A 80 8.61 -21.12 -20.92
C GLN A 80 8.26 -21.04 -19.44
N ARG A 81 8.87 -20.08 -18.74
CA ARG A 81 8.58 -19.85 -17.31
C ARG A 81 7.10 -19.58 -17.06
N ILE A 82 6.47 -18.83 -17.97
CA ILE A 82 5.03 -18.52 -17.86
C ILE A 82 4.21 -19.80 -17.89
N HIS A 83 4.49 -20.64 -18.88
CA HIS A 83 3.79 -21.91 -19.06
C HIS A 83 4.05 -22.93 -17.94
N ASN A 84 5.20 -22.80 -17.28
CA ASN A 84 5.55 -23.65 -16.15
C ASN A 84 5.06 -23.13 -14.79
N SER A 85 4.54 -21.91 -14.78
CA SER A 85 4.16 -21.23 -13.53
C SER A 85 2.82 -21.70 -12.97
N ASN A 86 2.86 -22.24 -11.76
CA ASN A 86 1.65 -22.73 -11.09
C ASN A 86 1.02 -21.68 -10.19
N ILE A 87 1.83 -20.72 -9.74
CA ILE A 87 1.34 -19.67 -8.85
C ILE A 87 0.86 -18.50 -9.70
N LEU A 88 -0.43 -18.24 -9.63
CA LEU A 88 -1.10 -17.34 -10.58
C LEU A 88 -0.60 -15.91 -10.50
N ASP A 89 -0.31 -15.42 -9.30
CA ASP A 89 0.24 -14.08 -9.11
C ASP A 89 1.62 -13.95 -9.77
N GLU A 90 2.43 -14.99 -9.66
CA GLU A 90 3.71 -15.03 -10.33
C GLU A 90 3.54 -15.13 -11.83
N ARG A 91 2.63 -16.00 -12.27
CA ARG A 91 2.30 -16.15 -13.69
C ARG A 91 1.96 -14.81 -14.34
N GLN A 92 1.05 -14.05 -13.75
CA GLN A 92 0.69 -12.74 -14.36
C GLN A 92 1.87 -11.78 -14.28
N GLY A 93 2.68 -11.88 -13.23
CA GLY A 93 3.90 -11.06 -13.11
C GLY A 93 4.86 -11.31 -14.26
N LEU A 94 5.13 -12.59 -14.53
CA LEU A 94 5.97 -13.01 -15.65
C LEU A 94 5.42 -12.58 -17.02
N MET A 95 4.10 -12.67 -17.16
CA MET A 95 3.44 -12.21 -18.39
C MET A 95 3.67 -10.73 -18.66
N HIS A 96 3.52 -9.91 -17.62
CA HIS A 96 3.84 -8.47 -17.75
C HIS A 96 5.32 -8.25 -18.11
N GLU A 97 6.22 -9.01 -17.50
CA GLU A 97 7.65 -8.96 -17.82
C GLU A 97 7.91 -9.29 -19.29
N LEU A 98 7.23 -10.31 -19.81
CA LEU A 98 7.36 -10.69 -21.23
C LEU A 98 6.88 -9.57 -22.14
N MET A 99 5.77 -8.94 -21.77
CA MET A 99 5.27 -7.80 -22.51
C MET A 99 6.37 -6.73 -22.62
N GLU A 100 7.03 -6.40 -21.51
CA GLU A 100 8.12 -5.42 -21.54
C GLU A 100 9.27 -5.86 -22.48
N LEU A 101 9.69 -7.12 -22.38
CA LEU A 101 10.73 -7.64 -23.28
C LEU A 101 10.39 -7.41 -24.75
N ILE A 102 9.15 -7.66 -25.10
CA ILE A 102 8.68 -7.42 -26.43
C ILE A 102 8.65 -5.96 -26.80
N ASP A 103 8.14 -5.12 -25.92
CA ASP A 103 8.23 -3.66 -26.07
C ASP A 103 9.66 -3.19 -26.41
N LEU A 104 10.62 -3.66 -25.62
CA LEU A 104 12.01 -3.26 -25.75
C LEU A 104 12.62 -3.76 -27.06
N TYR A 105 12.29 -4.99 -27.43
CA TYR A 105 12.75 -5.59 -28.68
C TYR A 105 12.22 -4.81 -29.88
N GLU A 106 10.92 -4.51 -29.85
CA GLU A 106 10.25 -3.74 -30.88
C GLU A 106 10.91 -2.36 -31.05
N GLU A 107 11.27 -1.76 -29.92
CA GLU A 107 11.94 -0.46 -29.90
C GLU A 107 13.37 -0.57 -30.45
N SER A 108 14.09 -1.62 -30.05
CA SER A 108 15.49 -1.77 -30.45
C SER A 108 15.69 -2.37 -31.85
N GLN A 109 14.72 -3.16 -32.33
CA GLN A 109 14.80 -3.78 -33.66
C GLN A 109 13.51 -3.60 -34.47
N PRO A 110 13.20 -2.35 -34.90
CA PRO A 110 11.94 -2.09 -35.59
C PRO A 110 11.77 -2.79 -36.94
N SER A 111 12.87 -3.26 -37.53
CA SER A 111 12.81 -3.93 -38.83
C SER A 111 12.97 -5.46 -38.70
N SER A 112 12.94 -5.95 -37.47
CA SER A 112 13.09 -7.38 -37.26
C SER A 112 11.92 -8.12 -37.89
N GLU A 113 12.27 -9.17 -38.62
CA GLU A 113 11.28 -10.03 -39.24
C GLU A 113 10.58 -10.96 -38.22
N ARG A 114 11.02 -10.90 -36.97
CA ARG A 114 10.37 -11.63 -35.86
C ARG A 114 9.19 -10.86 -35.26
N LEU A 115 9.05 -9.60 -35.65
CA LEU A 115 8.07 -8.72 -35.04
C LEU A 115 6.59 -9.10 -35.20
N ASN A 116 6.22 -9.65 -36.35
CA ASN A 116 4.85 -10.15 -36.52
C ASN A 116 4.47 -11.17 -35.42
N ALA A 117 5.35 -12.13 -35.19
CA ALA A 117 5.15 -13.16 -34.16
C ALA A 117 5.12 -12.55 -32.75
N PHE A 118 6.04 -11.63 -32.47
CA PHE A 118 6.16 -11.03 -31.15
C PHE A 118 4.94 -10.15 -30.80
N ARG A 119 4.46 -9.40 -31.78
CA ARG A 119 3.28 -8.58 -31.59
C ARG A 119 2.03 -9.42 -31.33
N GLU A 120 1.91 -10.53 -32.05
CA GLU A 120 0.79 -11.44 -31.83
C GLU A 120 0.84 -12.02 -30.43
N LEU A 121 2.03 -12.45 -30.02
CA LEU A 121 2.24 -12.98 -28.68
C LEU A 121 1.91 -11.92 -27.61
N ARG A 122 2.35 -10.69 -27.82
CA ARG A 122 2.05 -9.60 -26.88
C ARG A 122 0.54 -9.40 -26.74
N THR A 123 -0.18 -9.42 -27.86
CA THR A 123 -1.64 -9.26 -27.82
C THR A 123 -2.28 -10.44 -27.06
N GLN A 124 -1.74 -11.65 -27.24
CA GLN A 124 -2.22 -12.83 -26.50
C GLN A 124 -2.12 -12.65 -25.00
N LEU A 125 -0.99 -12.11 -24.57
CA LEU A 125 -0.74 -11.88 -23.14
C LEU A 125 -1.70 -10.83 -22.62
N GLU A 126 -1.90 -9.78 -23.40
CA GLU A 126 -2.86 -8.73 -23.01
C GLU A 126 -4.27 -9.29 -22.80
N LYS A 127 -4.69 -10.15 -23.73
CA LYS A 127 -6.01 -10.76 -23.67
C LYS A 127 -6.14 -11.80 -22.55
N ALA A 128 -5.03 -12.46 -22.19
CA ALA A 128 -5.05 -13.43 -21.11
C ALA A 128 -5.18 -12.77 -19.73
N LEU A 129 -4.68 -11.54 -19.63
CA LEU A 129 -4.66 -10.79 -18.36
C LEU A 129 -5.85 -9.85 -18.17
N TYR A 130 -6.22 -9.16 -19.24
CA TYR A 130 -7.26 -8.14 -19.19
C TYR A 130 -8.47 -8.63 -19.96
N LEU A 131 -9.54 -8.92 -19.22
CA LEU A 131 -10.74 -9.50 -19.80
C LEU A 131 -11.47 -8.36 -20.54
N PRO A 132 -12.44 -8.69 -21.41
CA PRO A 132 -13.12 -7.65 -22.19
C PRO A 132 -13.74 -6.51 -21.37
N GLU A 133 -14.23 -6.79 -20.17
CA GLU A 133 -14.87 -5.76 -19.35
C GLU A 133 -13.86 -4.90 -18.56
N MET A 134 -12.57 -5.16 -18.77
CA MET A 134 -11.48 -4.44 -18.09
C MET A 134 -10.74 -3.46 -19.01
N GLU A 135 -11.39 -2.99 -20.07
CA GLU A 135 -10.74 -2.07 -21.02
C GLU A 135 -10.12 -0.82 -20.39
N ALA A 136 -10.87 -0.15 -19.53
CA ALA A 136 -10.41 1.11 -18.96
C ALA A 136 -9.24 0.85 -18.01
N LEU A 137 -9.33 -0.25 -17.26
CA LEU A 137 -8.24 -0.67 -16.38
C LEU A 137 -6.97 -1.00 -17.15
N LYS A 138 -7.12 -1.81 -18.18
CA LYS A 138 -6.02 -2.19 -19.07
C LYS A 138 -5.30 -0.94 -19.59
N LYS A 139 -6.07 0.03 -20.11
CA LYS A 139 -5.45 1.22 -20.68
C LYS A 139 -4.61 1.96 -19.63
N GLN A 140 -5.14 2.09 -18.42
CA GLN A 140 -4.48 2.90 -17.40
C GLN A 140 -3.19 2.21 -16.98
N ILE A 141 -3.29 0.92 -16.75
CA ILE A 141 -2.17 0.12 -16.24
C ILE A 141 -1.05 -0.07 -17.28
N LEU A 142 -1.42 -0.46 -18.50
CA LEU A 142 -0.44 -0.66 -19.57
C LEU A 142 0.15 0.62 -20.18
N GLN A 143 -0.37 1.79 -19.81
CA GLN A 143 0.24 3.06 -20.21
C GLN A 143 1.47 3.39 -19.32
N ILE A 144 1.53 2.82 -18.13
CA ILE A 144 2.69 2.99 -17.26
C ILE A 144 3.93 2.33 -17.91
N PRO A 145 5.03 3.09 -18.08
CA PRO A 145 6.24 2.53 -18.70
C PRO A 145 6.80 1.37 -17.87
N ASN A 146 7.62 0.52 -18.50
CA ASN A 146 8.27 -0.63 -17.84
C ASN A 146 7.24 -1.61 -17.28
N LYS A 147 6.55 -2.31 -18.18
CA LYS A 147 5.50 -3.24 -17.81
C LYS A 147 5.98 -4.35 -16.89
N GLY A 148 7.28 -4.61 -16.89
CA GLY A 148 7.87 -5.62 -16.00
C GLY A 148 8.54 -5.05 -14.77
N SER A 149 8.26 -3.80 -14.41
CA SER A 149 8.87 -3.22 -13.20
C SER A 149 8.27 -3.72 -11.89
N GLY A 150 7.09 -4.34 -11.96
CA GLY A 150 6.33 -4.67 -10.76
C GLY A 150 5.09 -3.84 -10.58
N ALA A 151 5.05 -2.65 -11.20
CA ALA A 151 3.87 -1.79 -11.09
C ALA A 151 2.61 -2.44 -11.68
N ALA A 152 2.69 -2.88 -12.93
CA ALA A 152 1.54 -3.53 -13.57
C ALA A 152 1.09 -4.79 -12.80
N ARG A 153 2.06 -5.59 -12.35
CA ARG A 153 1.75 -6.78 -11.58
C ARG A 153 0.97 -6.44 -10.31
N PHE A 154 1.45 -5.44 -9.58
CA PHE A 154 0.82 -5.01 -8.35
C PHE A 154 -0.57 -4.44 -8.63
N LEU A 155 -0.66 -3.60 -9.65
CA LEU A 155 -1.93 -2.96 -9.96
C LEU A 155 -2.99 -3.95 -10.44
N LEU A 156 -2.61 -4.91 -11.27
CA LEU A 156 -3.59 -5.92 -11.72
C LEU A 156 -4.03 -6.84 -10.57
N ARG A 157 -3.08 -7.19 -9.70
CA ARG A 157 -3.39 -7.96 -8.51
C ARG A 157 -4.40 -7.25 -7.65
N THR A 158 -4.17 -5.96 -7.42
CA THR A 158 -5.06 -5.13 -6.61
C THR A 158 -6.45 -5.02 -7.26
N ALA A 159 -6.46 -4.78 -8.58
CA ALA A 159 -7.70 -4.63 -9.33
C ALA A 159 -8.55 -5.90 -9.24
N MET A 160 -7.92 -7.07 -9.38
CA MET A 160 -8.64 -8.33 -9.35
C MET A 160 -9.20 -8.61 -7.97
N ASN A 161 -8.41 -8.32 -6.94
CA ASN A 161 -8.89 -8.43 -5.56
C ASN A 161 -10.05 -7.47 -5.28
N GLU A 162 -9.97 -6.26 -5.81
CA GLU A 162 -11.04 -5.27 -5.67
C GLU A 162 -12.34 -5.73 -6.36
N MET A 163 -12.20 -6.25 -7.57
CA MET A 163 -13.35 -6.71 -8.36
C MET A 163 -14.04 -7.90 -7.71
N ALA A 164 -13.25 -8.69 -7.00
CA ALA A 164 -13.72 -9.89 -6.29
C ALA A 164 -14.27 -9.59 -4.90
N GLY A 165 -14.05 -8.37 -4.42
CA GLY A 165 -14.52 -7.94 -3.11
C GLY A 165 -13.59 -8.36 -1.99
N LYS A 166 -12.33 -8.60 -2.31
CA LYS A 166 -11.35 -9.05 -1.31
C LYS A 166 -10.42 -7.93 -0.82
N THR A 167 -10.55 -6.74 -1.40
CA THR A 167 -9.79 -5.58 -0.92
C THR A 167 -10.69 -4.37 -1.11
N SER A 168 -10.41 -3.29 -0.39
CA SER A 168 -11.21 -2.08 -0.44
C SER A 168 -10.88 -1.30 -1.70
N GLU A 169 -11.73 -0.33 -2.06
CA GLU A 169 -11.52 0.51 -3.22
C GLU A 169 -10.19 1.25 -3.09
N SER A 170 -9.24 0.91 -3.97
CA SER A 170 -7.89 1.47 -3.87
C SER A 170 -7.18 1.55 -5.22
N THR A 171 -7.63 0.79 -6.20
CA THR A 171 -6.91 0.67 -7.47
C THR A 171 -6.74 2.01 -8.20
N ALA A 172 -7.83 2.76 -8.35
CA ALA A 172 -7.76 4.01 -9.08
C ALA A 172 -6.72 4.95 -8.47
N ASP A 173 -6.77 5.11 -7.15
CA ASP A 173 -5.86 6.01 -6.47
C ASP A 173 -4.41 5.49 -6.47
N LEU A 174 -4.23 4.17 -6.43
CA LEU A 174 -2.88 3.61 -6.53
C LEU A 174 -2.30 3.83 -7.94
N ILE A 175 -3.19 3.79 -8.95
CA ILE A 175 -2.80 4.18 -10.31
C ILE A 175 -2.39 5.67 -10.36
N ARG A 176 -3.18 6.53 -9.73
CA ARG A 176 -2.85 7.96 -9.71
C ARG A 176 -1.47 8.21 -9.07
N PHE A 177 -1.21 7.52 -7.96
CA PHE A 177 0.11 7.56 -7.32
C PHE A 177 1.22 7.14 -8.28
N ALA A 178 1.02 6.01 -8.96
CA ALA A 178 2.03 5.45 -9.87
C ALA A 178 2.34 6.42 -11.01
N LEU A 179 1.30 7.04 -11.55
CA LEU A 179 1.42 7.94 -12.70
C LEU A 179 2.21 9.21 -12.41
N GLN A 180 2.15 9.68 -11.18
CA GLN A 180 2.87 10.89 -10.78
C GLN A 180 4.25 10.60 -10.19
N ASP A 181 4.46 9.38 -9.72
CA ASP A 181 5.72 9.02 -9.05
C ASP A 181 6.93 9.12 -9.99
N THR A 182 7.97 9.85 -9.57
CA THR A 182 9.13 10.11 -10.45
C THR A 182 9.96 8.87 -10.79
N VAL A 183 9.73 7.77 -10.06
CA VAL A 183 10.39 6.52 -10.37
C VAL A 183 9.46 5.62 -11.18
N ILE A 184 8.30 5.30 -10.62
CA ILE A 184 7.39 4.34 -11.25
C ILE A 184 6.99 4.75 -12.67
N SER A 185 6.75 6.05 -12.87
CA SER A 185 6.25 6.51 -14.16
C SER A 185 7.35 6.81 -15.19
N ALA A 186 8.61 6.62 -14.81
CA ALA A 186 9.72 6.99 -15.68
C ALA A 186 10.18 5.81 -16.55
N PRO A 187 10.24 5.99 -17.88
CA PRO A 187 10.87 4.97 -18.74
C PRO A 187 12.28 4.73 -18.26
N PHE A 188 12.60 3.48 -17.96
CA PHE A 188 13.88 3.13 -17.31
C PHE A 188 15.05 3.36 -18.26
N ARG A 189 16.08 4.06 -17.78
CA ARG A 189 17.24 4.36 -18.61
C ARG A 189 18.55 4.06 -17.87
N GLY A 190 18.45 3.30 -16.78
CA GLY A 190 19.59 3.03 -15.92
C GLY A 190 20.39 1.82 -16.33
N TYR A 191 20.98 1.17 -15.33
CA TYR A 191 21.97 0.12 -15.54
C TYR A 191 21.38 -1.28 -15.36
N ALA A 192 21.55 -2.12 -16.38
CA ALA A 192 21.01 -3.48 -16.35
C ALA A 192 22.12 -4.53 -16.30
N GLY A 193 23.37 -4.09 -16.15
CA GLY A 193 24.51 -4.99 -16.21
C GLY A 193 24.78 -5.72 -14.90
N ALA A 194 25.92 -6.39 -14.84
CA ALA A 194 26.30 -7.17 -13.66
C ALA A 194 27.09 -6.34 -12.66
N ILE A 195 27.07 -6.77 -11.40
CA ILE A 195 27.80 -6.08 -10.33
C ILE A 195 29.05 -6.89 -9.96
N PRO A 196 30.25 -6.26 -10.07
CA PRO A 196 31.52 -6.92 -9.75
C PRO A 196 31.54 -7.44 -8.32
N GLU A 197 32.09 -8.63 -8.14
CA GLU A 197 32.12 -9.29 -6.84
C GLU A 197 32.97 -8.55 -5.81
N ALA A 198 33.89 -7.72 -6.29
CA ALA A 198 34.75 -6.90 -5.43
C ALA A 198 33.94 -5.90 -4.60
N ILE A 199 32.85 -5.39 -5.17
CA ILE A 199 31.93 -4.51 -4.44
C ILE A 199 31.36 -5.21 -3.22
N ASP A 200 31.45 -4.55 -2.07
CA ASP A 200 31.08 -5.16 -0.79
C ASP A 200 29.87 -4.49 -0.12
N PHE A 201 29.22 -3.59 -0.86
CA PHE A 201 27.98 -2.96 -0.40
C PHE A 201 26.85 -3.23 -1.40
N PRO A 202 25.58 -3.20 -0.93
CA PRO A 202 24.46 -3.24 -1.87
C PRO A 202 24.49 -2.01 -2.78
N VAL A 203 24.48 -2.23 -4.09
CA VAL A 203 24.50 -1.14 -5.06
C VAL A 203 23.09 -0.66 -5.40
N LYS A 204 22.92 0.66 -5.41
CA LYS A 204 21.67 1.28 -5.79
C LYS A 204 21.77 1.90 -7.19
N TYR A 205 22.88 2.58 -7.47
CA TYR A 205 23.08 3.27 -8.74
C TYR A 205 24.42 2.94 -9.38
N VAL A 206 24.43 2.88 -10.71
CA VAL A 206 25.66 2.68 -11.46
C VAL A 206 25.73 3.67 -12.60
N ILE A 207 26.85 4.36 -12.70
CA ILE A 207 27.20 5.10 -13.90
C ILE A 207 28.16 4.18 -14.66
N GLU A 208 27.66 3.63 -15.77
CA GLU A 208 28.36 2.59 -16.51
C GLU A 208 29.64 3.09 -17.17
N ASP A 209 29.56 4.25 -17.81
CA ASP A 209 30.72 4.85 -18.46
C ASP A 209 31.05 6.20 -17.83
N ILE A 210 32.14 6.23 -17.08
CA ILE A 210 32.62 7.43 -16.38
C ILE A 210 32.88 8.64 -17.29
N SER A 211 33.16 8.40 -18.57
CA SER A 211 33.43 9.47 -19.54
C SER A 211 32.25 10.44 -19.71
N VAL A 212 31.05 10.01 -19.32
CA VAL A 212 29.85 10.83 -19.34
C VAL A 212 30.03 12.11 -18.50
N PHE A 213 30.92 12.05 -17.51
CA PHE A 213 31.23 13.20 -16.67
C PHE A 213 31.96 14.30 -17.43
N ASP A 214 32.63 13.93 -18.51
CA ASP A 214 33.39 14.88 -19.33
C ASP A 214 32.49 15.53 -20.38
N LYS A 215 31.29 14.98 -20.53
CA LYS A 215 30.32 15.49 -21.49
C LYS A 215 29.55 16.69 -20.96
N ILE A 216 29.58 16.89 -19.65
CA ILE A 216 28.83 17.97 -19.01
C ILE A 216 29.53 19.33 -19.15
N GLN A 217 28.72 20.40 -19.06
CA GLN A 217 29.19 21.77 -19.31
C GLN A 217 30.25 22.27 -18.32
N THR A 218 30.05 22.01 -17.03
CA THR A 218 30.93 22.53 -15.98
C THR A 218 32.26 21.77 -15.91
N ASN A 219 33.35 22.53 -15.95
CA ASN A 219 34.69 21.99 -15.75
C ASN A 219 35.08 22.10 -14.28
N TYR A 220 34.64 21.14 -13.49
CA TYR A 220 34.94 21.11 -12.07
C TYR A 220 36.46 20.99 -11.81
N TRP A 221 37.19 20.56 -12.83
CA TRP A 221 38.64 20.38 -12.73
C TRP A 221 39.42 21.71 -12.77
N GLU A 222 38.77 22.75 -13.28
CA GLU A 222 39.37 24.09 -13.36
C GLU A 222 39.27 24.84 -12.03
N LEU A 223 38.31 24.42 -11.19
CA LEU A 223 38.05 25.04 -9.89
C LEU A 223 39.29 25.11 -8.96
N PRO A 224 39.44 26.22 -8.23
CA PRO A 224 40.61 26.47 -7.37
C PRO A 224 40.97 25.32 -6.41
N ALA A 225 39.96 24.60 -5.91
CA ALA A 225 40.16 23.55 -4.91
C ALA A 225 40.96 22.34 -5.37
N TYR A 226 41.07 22.15 -6.68
CA TYR A 226 41.68 20.94 -7.24
C TYR A 226 42.93 21.21 -8.09
N GLU A 227 43.55 22.36 -7.85
CA GLU A 227 44.74 22.75 -8.59
C GLU A 227 46.00 21.98 -8.17
N SER A 228 46.07 21.59 -6.90
CA SER A 228 47.17 20.74 -6.40
C SER A 228 47.08 19.30 -6.94
N TRP A 229 45.92 18.92 -7.46
CA TRP A 229 45.68 17.57 -7.97
C TRP A 229 46.19 17.35 -9.38
N ASN A 230 46.20 18.41 -10.18
CA ASN A 230 46.73 18.39 -11.56
C ASN A 230 45.97 17.48 -12.52
N GLU A 231 44.67 17.74 -12.67
CA GLU A 231 43.80 16.93 -13.53
C GLU A 231 43.10 17.78 -14.62
N GLY A 232 42.94 17.19 -15.80
CA GLY A 232 42.39 17.90 -16.96
C GLY A 232 40.97 17.61 -17.40
N SER A 233 40.25 16.77 -16.63
CA SER A 233 38.85 16.45 -16.92
C SER A 233 38.05 16.15 -15.65
N ASN A 234 36.72 16.14 -15.77
CA ASN A 234 35.84 15.80 -14.65
C ASN A 234 36.06 14.35 -14.21
N SER A 235 36.09 13.44 -15.19
CA SER A 235 36.34 12.02 -14.94
C SER A 235 37.70 11.74 -14.30
N ALA A 236 38.65 12.66 -14.47
CA ALA A 236 39.97 12.56 -13.86
C ALA A 236 39.98 12.97 -12.38
N LEU A 237 39.11 13.92 -12.02
CA LEU A 237 38.92 14.34 -10.63
C LEU A 237 38.36 13.21 -9.76
N LEU A 238 37.51 12.41 -10.38
CA LEU A 238 36.66 11.44 -9.70
C LEU A 238 37.35 10.47 -8.73
N PRO A 239 38.47 9.81 -9.15
CA PRO A 239 39.13 8.88 -8.22
C PRO A 239 39.65 9.57 -6.96
N GLY A 240 40.07 10.82 -7.10
CA GLY A 240 40.58 11.61 -5.99
C GLY A 240 39.49 11.95 -4.99
N LEU A 241 38.34 12.41 -5.49
CA LEU A 241 37.20 12.77 -4.65
C LEU A 241 36.75 11.62 -3.76
N LEU A 242 36.70 10.41 -4.34
CA LEU A 242 36.31 9.22 -3.61
C LEU A 242 37.35 8.76 -2.57
N ARG A 243 38.60 8.58 -3.02
CA ARG A 243 39.69 8.17 -2.13
C ARG A 243 39.83 9.08 -0.91
N GLU A 244 39.71 10.38 -1.15
CA GLU A 244 39.80 11.37 -0.09
C GLU A 244 38.58 11.33 0.82
N SER A 245 37.42 11.01 0.23
CA SER A 245 36.21 10.81 1.00
C SER A 245 36.35 9.63 1.95
N GLN A 246 36.60 8.45 1.38
CA GLN A 246 36.80 7.20 2.13
C GLN A 246 37.72 7.34 3.36
N SER A 247 38.86 8.02 3.18
CA SER A 247 39.83 8.21 4.26
C SER A 247 39.36 9.23 5.31
N LYS A 248 38.35 10.04 4.97
CA LYS A 248 37.84 11.08 5.85
C LYS A 248 36.52 10.68 6.52
N GLY A 249 35.51 10.37 5.71
CA GLY A 249 34.20 9.96 6.23
C GLY A 249 33.13 9.79 5.18
N MET A 250 32.92 10.83 4.35
CA MET A 250 31.83 10.86 3.37
C MET A 250 32.06 9.92 2.17
N LEU A 251 30.99 9.72 1.37
CA LEU A 251 31.01 8.91 0.14
C LEU A 251 31.75 7.57 0.25
N SER A 252 31.60 6.93 1.40
CA SER A 252 32.27 5.65 1.67
C SER A 252 31.74 4.50 0.82
N LYS A 253 30.49 4.62 0.36
CA LYS A 253 29.84 3.58 -0.46
C LYS A 253 29.83 3.98 -1.94
N CYS A 254 30.98 4.45 -2.41
CA CYS A 254 31.18 4.76 -3.82
C CYS A 254 32.50 4.16 -4.25
N ARG A 255 32.47 3.38 -5.33
CA ARG A 255 33.68 2.77 -5.85
C ARG A 255 33.69 2.76 -7.38
N ILE A 256 34.86 3.03 -7.96
CA ILE A 256 35.05 2.89 -9.40
C ILE A 256 35.82 1.61 -9.68
N ILE A 257 35.27 0.80 -10.59
CA ILE A 257 35.95 -0.39 -11.08
C ILE A 257 35.85 -0.39 -12.61
N GLU A 258 37.02 -0.37 -13.26
CA GLU A 258 37.11 -0.45 -14.72
C GLU A 258 36.13 0.49 -15.44
N ASN A 259 36.27 1.79 -15.20
CA ASN A 259 35.48 2.81 -15.92
C ASN A 259 34.00 2.92 -15.51
N SER A 260 33.59 2.15 -14.50
CA SER A 260 32.22 2.21 -13.98
C SER A 260 32.20 2.68 -12.52
N LEU A 261 31.26 3.57 -12.20
CA LEU A 261 31.07 4.06 -10.83
C LEU A 261 29.84 3.43 -10.19
N TYR A 262 30.05 2.86 -9.01
CA TYR A 262 29.01 2.16 -8.26
C TYR A 262 28.72 2.93 -6.98
N ILE A 263 27.44 3.20 -6.74
CA ILE A 263 27.01 4.03 -5.63
C ILE A 263 26.09 3.27 -4.67
N GLY A 264 26.37 3.38 -3.37
CA GLY A 264 25.59 2.72 -2.33
C GLY A 264 24.78 3.65 -1.45
N HIS A 265 24.99 4.96 -1.59
CA HIS A 265 24.19 5.95 -0.84
C HIS A 265 22.98 6.31 -1.67
N SER A 266 21.82 6.35 -1.03
CA SER A 266 20.59 6.68 -1.74
C SER A 266 20.58 8.16 -2.13
N TYR A 267 19.88 8.45 -3.22
CA TYR A 267 19.67 9.82 -3.68
C TYR A 267 19.33 10.76 -2.53
N GLU A 268 18.35 10.36 -1.72
CA GLU A 268 17.84 11.20 -0.64
C GLU A 268 18.83 11.37 0.49
N GLU A 269 19.58 10.32 0.79
CA GLU A 269 20.65 10.40 1.78
C GLU A 269 21.67 11.46 1.38
N MET A 270 22.10 11.41 0.12
CA MET A 270 23.07 12.37 -0.38
C MET A 270 22.51 13.80 -0.40
N PHE A 271 21.26 13.94 -0.84
CA PHE A 271 20.63 15.25 -0.93
C PHE A 271 20.56 15.99 0.39
N TYR A 272 20.27 15.26 1.47
CA TYR A 272 20.09 15.87 2.79
C TYR A 272 21.39 15.98 3.61
N SER A 273 22.45 15.33 3.13
CA SER A 273 23.75 15.40 3.79
C SER A 273 24.80 16.18 2.98
N ILE A 274 24.47 16.56 1.75
CA ILE A 274 25.42 17.25 0.86
C ILE A 274 24.84 18.54 0.27
N SER A 275 25.41 19.68 0.68
CA SER A 275 25.00 21.00 0.19
C SER A 275 26.02 22.06 0.60
N PRO A 276 25.87 23.32 0.14
CA PRO A 276 26.77 24.38 0.63
C PRO A 276 26.79 24.52 2.16
N TYR A 277 25.70 24.16 2.83
CA TYR A 277 25.60 24.23 4.29
C TYR A 277 26.56 23.29 5.01
N SER A 278 26.79 22.13 4.42
CA SER A 278 27.65 21.10 5.01
C SER A 278 28.98 20.96 4.27
N ASN A 279 29.07 21.58 3.10
CA ASN A 279 30.20 21.40 2.21
C ASN A 279 30.75 22.70 1.63
N GLN A 280 31.72 23.28 2.33
CA GLN A 280 32.38 24.49 1.85
C GLN A 280 33.89 24.35 1.93
N VAL A 281 34.61 25.11 1.11
CA VAL A 281 36.06 25.17 1.19
C VAL A 281 36.47 25.53 2.63
N GLY A 282 37.29 24.68 3.23
CA GLY A 282 37.77 24.88 4.60
C GLY A 282 36.78 24.44 5.67
N GLY A 283 35.64 23.91 5.23
CA GLY A 283 34.62 23.40 6.16
C GLY A 283 34.97 22.00 6.65
N PRO A 284 34.16 21.47 7.59
CA PRO A 284 34.40 20.13 8.16
C PRO A 284 34.39 19.00 7.14
N TYR A 285 33.57 19.14 6.09
CA TYR A 285 33.50 18.10 5.05
C TYR A 285 33.97 18.60 3.67
N GLU A 286 34.48 19.83 3.66
CA GLU A 286 35.09 20.44 2.47
C GLU A 286 34.12 20.49 1.28
N LEU A 287 34.64 20.67 0.07
CA LEU A 287 33.78 20.84 -1.10
C LEU A 287 33.50 19.52 -1.82
N TYR A 288 34.35 18.52 -1.60
CA TYR A 288 34.45 17.34 -2.48
C TYR A 288 33.16 16.51 -2.66
N PRO A 289 32.41 16.25 -1.57
CA PRO A 289 31.17 15.49 -1.78
C PRO A 289 30.18 16.30 -2.59
N PHE A 290 30.14 17.60 -2.37
CA PHE A 290 29.24 18.51 -3.08
C PHE A 290 29.58 18.56 -4.57
N THR A 291 30.88 18.63 -4.87
CA THR A 291 31.36 18.58 -6.26
C THR A 291 30.92 17.28 -6.92
N PHE A 292 31.16 16.16 -6.23
CA PHE A 292 30.77 14.83 -6.69
C PHE A 292 29.27 14.74 -6.98
N PHE A 293 28.46 15.23 -6.06
CA PHE A 293 27.00 15.17 -6.18
C PHE A 293 26.49 16.16 -7.22
N SER A 294 27.11 17.33 -7.29
CA SER A 294 26.75 18.36 -8.26
C SER A 294 26.88 17.89 -9.71
N MET A 295 27.93 17.11 -9.99
CA MET A 295 28.11 16.61 -11.34
C MET A 295 27.29 15.37 -11.64
N LEU A 296 26.99 14.57 -10.62
CA LEU A 296 25.98 13.52 -10.77
C LEU A 296 24.68 14.11 -11.27
N GLN A 297 24.26 15.22 -10.64
CA GLN A 297 23.03 15.90 -10.99
C GLN A 297 23.11 16.55 -12.37
N GLU A 298 24.31 16.99 -12.76
CA GLU A 298 24.50 17.52 -14.11
C GLU A 298 24.41 16.42 -15.16
N VAL A 299 25.05 15.29 -14.89
CA VAL A 299 24.93 14.11 -15.76
C VAL A 299 23.46 13.68 -15.89
N GLN A 300 22.73 13.72 -14.78
CA GLN A 300 21.32 13.34 -14.73
C GLN A 300 20.46 14.15 -15.71
N GLY A 301 20.72 15.46 -15.76
CA GLY A 301 20.00 16.35 -16.67
C GLY A 301 18.50 16.40 -16.43
N ASP A 302 17.74 16.24 -17.50
CA ASP A 302 16.28 16.33 -17.47
C ASP A 302 15.61 15.03 -17.03
N LEU A 303 16.42 13.99 -16.83
CA LEU A 303 15.93 12.69 -16.39
C LEU A 303 15.66 12.70 -14.89
N GLY A 304 14.92 11.71 -14.42
CA GLY A 304 14.85 11.43 -12.98
C GLY A 304 16.14 10.76 -12.55
N PHE A 305 16.51 10.94 -11.28
CA PHE A 305 17.79 10.42 -10.78
C PHE A 305 17.84 8.91 -10.92
N GLU A 306 16.80 8.25 -10.44
CA GLU A 306 16.70 6.80 -10.52
C GLU A 306 16.54 6.33 -11.96
N GLN A 307 15.73 7.06 -12.74
CA GLN A 307 15.56 6.78 -14.17
C GLN A 307 16.90 6.70 -14.90
N ALA A 308 17.82 7.58 -14.51
CA ALA A 308 19.11 7.70 -15.15
C ALA A 308 20.14 6.69 -14.64
N PHE A 309 20.15 6.44 -13.33
CA PHE A 309 21.29 5.78 -12.67
C PHE A 309 21.02 4.48 -11.93
N ALA A 310 19.76 4.23 -11.56
CA ALA A 310 19.45 3.05 -10.75
C ALA A 310 19.81 1.77 -11.50
N THR A 311 20.28 0.76 -10.77
CA THR A 311 20.33 -0.58 -11.33
C THR A 311 18.88 -1.00 -11.55
N ARG A 312 18.64 -1.85 -12.54
CA ARG A 312 17.26 -2.30 -12.79
C ARG A 312 16.69 -2.99 -11.56
N ASN A 313 17.55 -3.68 -10.82
CA ASN A 313 17.15 -4.37 -9.61
C ASN A 313 16.66 -3.45 -8.50
N PHE A 314 17.41 -2.37 -8.26
CA PHE A 314 17.05 -1.37 -7.27
C PHE A 314 15.78 -0.64 -7.72
N PHE A 315 15.74 -0.32 -9.00
CA PHE A 315 14.57 0.32 -9.62
C PHE A 315 13.30 -0.51 -9.36
N ASN A 316 13.32 -1.79 -9.73
CA ASN A 316 12.17 -2.68 -9.53
C ASN A 316 11.74 -2.80 -8.07
N THR A 317 12.72 -2.91 -7.17
CA THR A 317 12.45 -3.01 -5.74
C THR A 317 11.77 -1.75 -5.21
N LEU A 318 12.26 -0.60 -5.67
CA LEU A 318 11.71 0.69 -5.29
C LEU A 318 10.26 0.81 -5.76
N VAL A 319 9.98 0.40 -7.00
CA VAL A 319 8.62 0.43 -7.55
C VAL A 319 7.63 -0.37 -6.70
N SER A 320 7.99 -1.62 -6.38
CA SER A 320 7.09 -2.49 -5.66
C SER A 320 6.99 -2.16 -4.17
N ASP A 321 8.08 -1.73 -3.57
CA ASP A 321 8.04 -1.24 -2.18
C ASP A 321 7.16 -0.01 -2.03
N ARG A 322 7.29 0.94 -2.94
CA ARG A 322 6.51 2.18 -2.88
C ARG A 322 5.02 1.90 -3.02
N LEU A 323 4.66 1.01 -3.93
CA LEU A 323 3.24 0.68 -4.09
C LEU A 323 2.67 0.00 -2.86
N SER A 324 3.44 -0.94 -2.29
CA SER A 324 3.02 -1.62 -1.08
C SER A 324 2.92 -0.65 0.09
N LEU A 325 3.84 0.29 0.21
CA LEU A 325 3.80 1.24 1.34
C LEU A 325 2.64 2.21 1.21
N MET A 326 2.41 2.69 -0.01
CA MET A 326 1.27 3.58 -0.30
C MET A 326 -0.07 2.93 0.03
N GLU A 327 -0.23 1.68 -0.38
CA GLU A 327 -1.42 0.91 -0.06
C GLU A 327 -1.64 0.86 1.45
N ASN A 328 -0.58 0.62 2.23
CA ASN A 328 -0.63 0.66 3.70
C ASN A 328 -1.08 2.00 4.25
N THR A 329 -0.48 3.06 3.73
CA THR A 329 -0.86 4.41 4.09
C THR A 329 -2.33 4.68 3.80
N MET A 330 -2.78 4.33 2.60
CA MET A 330 -4.17 4.55 2.23
C MET A 330 -5.12 3.78 3.16
N LEU A 331 -4.77 2.53 3.42
CA LEU A 331 -5.56 1.69 4.32
C LEU A 331 -5.66 2.30 5.72
N LEU A 332 -4.54 2.87 6.19
CA LEU A 332 -4.49 3.49 7.50
C LEU A 332 -5.46 4.66 7.63
N THR A 333 -5.80 5.31 6.51
CA THR A 333 -6.73 6.45 6.57
C THR A 333 -8.21 6.02 6.59
N GLU A 334 -8.47 4.78 6.19
CA GLU A 334 -9.85 4.30 6.02
C GLU A 334 -10.63 4.32 7.32
N SER A 335 -11.79 4.97 7.27
CA SER A 335 -12.67 5.06 8.43
C SER A 335 -11.94 5.55 9.69
N PHE A 336 -10.98 6.45 9.53
CA PHE A 336 -10.36 7.04 10.72
C PHE A 336 -11.44 7.87 11.39
N ASP A 337 -11.63 7.65 12.69
CA ASP A 337 -12.63 8.40 13.43
C ASP A 337 -11.97 9.61 14.11
N TYR A 338 -12.34 10.80 13.66
CA TYR A 338 -11.85 12.06 14.23
C TYR A 338 -12.59 12.46 15.51
N THR A 339 -13.66 11.73 15.84
CA THR A 339 -14.48 12.06 17.02
C THR A 339 -13.69 12.15 18.35
N PRO A 340 -12.89 11.13 18.69
CA PRO A 340 -12.16 11.23 19.95
C PRO A 340 -11.23 12.45 20.02
N TRP A 341 -10.51 12.73 18.93
CA TRP A 341 -9.56 13.85 18.91
C TRP A 341 -10.27 15.20 18.97
N ASP A 342 -11.31 15.36 18.16
CA ASP A 342 -12.11 16.59 18.14
C ASP A 342 -12.78 16.88 19.49
N ALA A 343 -13.12 15.83 20.25
CA ALA A 343 -13.70 15.98 21.59
C ALA A 343 -12.73 16.61 22.62
N ILE A 344 -11.44 16.42 22.43
CA ILE A 344 -10.44 17.00 23.33
C ILE A 344 -9.92 18.32 22.78
N TYR A 345 -9.51 18.32 21.52
CA TYR A 345 -8.77 19.45 20.95
C TYR A 345 -9.52 20.23 19.88
N GLY A 346 -10.71 19.76 19.50
CA GLY A 346 -11.41 20.30 18.33
C GLY A 346 -12.48 21.35 18.55
N ASP A 347 -12.73 21.71 19.80
CA ASP A 347 -13.65 22.80 20.12
C ASP A 347 -13.12 24.09 19.51
N ILE A 348 -14.03 24.97 19.07
CA ILE A 348 -13.59 26.23 18.47
C ILE A 348 -12.68 27.02 19.41
N ASN A 349 -12.90 26.91 20.72
CA ASN A 349 -12.11 27.70 21.67
C ASN A 349 -11.03 26.91 22.39
N TYR A 350 -10.64 25.76 21.83
CA TYR A 350 -9.55 25.01 22.49
C TYR A 350 -8.29 25.84 22.58
N ASP A 351 -8.00 26.60 21.53
CA ASP A 351 -6.81 27.46 21.49
C ASP A 351 -6.76 28.47 22.64
N GLU A 352 -7.92 29.04 22.98
CA GLU A 352 -8.04 29.97 24.09
C GLU A 352 -7.89 29.25 25.43
N GLN A 353 -8.45 28.05 25.51
CA GLN A 353 -8.32 27.24 26.71
C GLN A 353 -6.84 26.85 26.95
N PHE A 354 -6.16 26.48 25.87
CA PHE A 354 -4.71 26.22 25.90
C PHE A 354 -3.94 27.47 26.35
N ALA A 355 -4.24 28.61 25.72
CA ALA A 355 -3.60 29.88 26.08
C ALA A 355 -3.94 30.39 27.50
N ALA A 356 -5.05 29.90 28.06
CA ALA A 356 -5.48 30.36 29.39
C ALA A 356 -4.62 29.78 30.49
N MET A 357 -4.06 28.60 30.26
CA MET A 357 -3.13 27.97 31.19
C MET A 357 -1.80 28.70 31.17
N SER A 358 -1.11 28.72 32.31
CA SER A 358 0.28 29.16 32.34
C SER A 358 1.12 28.21 31.50
N ILE A 359 2.35 28.61 31.18
CA ILE A 359 3.26 27.75 30.44
C ILE A 359 3.44 26.45 31.21
N ASN A 360 3.69 26.55 32.52
CA ASN A 360 3.92 25.36 33.35
C ASN A 360 2.71 24.44 33.48
N GLU A 361 1.51 25.02 33.51
CA GLU A 361 0.28 24.23 33.54
C GLU A 361 0.08 23.47 32.23
N ARG A 362 0.42 24.15 31.13
CA ARG A 362 0.42 23.52 29.81
C ARG A 362 1.38 22.35 29.72
N ILE A 363 2.60 22.51 30.23
CA ILE A 363 3.59 21.44 30.21
C ILE A 363 3.14 20.26 31.06
N GLU A 364 2.57 20.55 32.22
CA GLU A 364 2.00 19.54 33.11
C GLU A 364 0.87 18.77 32.44
N LYS A 365 -0.02 19.49 31.76
CA LYS A 365 -1.14 18.86 31.07
C LYS A 365 -0.68 18.01 29.89
N CYS A 366 0.29 18.50 29.11
CA CYS A 366 0.82 17.73 27.96
C CYS A 366 1.51 16.45 28.43
N MET A 367 2.33 16.57 29.46
CA MET A 367 3.07 15.42 29.97
C MET A 367 2.18 14.45 30.75
N ASN A 368 1.39 14.95 31.68
CA ASN A 368 0.66 14.09 32.61
C ASN A 368 -0.70 13.60 32.13
N THR A 369 -1.39 14.40 31.33
CA THR A 369 -2.71 14.03 30.79
C THR A 369 -2.63 13.51 29.34
N TYR A 370 -2.08 14.33 28.45
CA TYR A 370 -2.03 13.96 27.03
C TYR A 370 -0.94 12.93 26.73
N ARG A 371 0.08 12.91 27.59
CA ARG A 371 1.24 12.01 27.45
C ARG A 371 2.14 12.39 26.26
N GLY A 372 1.84 13.52 25.63
CA GLY A 372 2.65 14.00 24.52
C GLY A 372 2.17 15.30 23.95
N VAL A 373 3.05 15.94 23.18
CA VAL A 373 2.72 17.16 22.46
C VAL A 373 3.63 17.27 21.24
N ALA A 374 3.13 17.88 20.18
CA ALA A 374 3.96 18.13 19.01
C ALA A 374 4.18 19.62 18.84
N PHE A 375 5.37 19.95 18.36
CA PHE A 375 5.72 21.32 18.03
C PHE A 375 6.00 21.36 16.55
N GLN A 376 5.60 22.46 15.91
CA GLN A 376 6.11 22.78 14.61
C GLN A 376 7.64 22.79 14.58
N ASN A 377 8.11 22.45 13.39
CA ASN A 377 9.49 22.31 12.96
C ASN A 377 10.47 23.48 13.07
N SER A 378 10.11 24.52 13.83
CA SER A 378 10.87 25.77 13.81
C SER A 378 11.93 25.84 14.90
N SER A 379 13.00 26.57 14.62
CA SER A 379 14.01 26.87 15.63
C SER A 379 13.40 27.57 16.86
N LYS A 380 12.37 28.41 16.63
CA LYS A 380 11.65 29.07 17.72
C LYS A 380 10.98 28.09 18.67
N SER A 381 10.37 27.05 18.10
CA SER A 381 9.74 25.98 18.88
C SER A 381 10.78 25.17 19.66
N ILE A 382 11.87 24.81 18.98
CA ILE A 382 12.94 24.05 19.62
C ILE A 382 13.56 24.84 20.79
N ASP A 383 13.82 26.13 20.56
CA ASP A 383 14.36 26.99 21.62
C ASP A 383 13.44 27.12 22.83
N PHE A 384 12.13 27.27 22.58
CA PHE A 384 11.13 27.27 23.65
C PHE A 384 11.16 25.99 24.47
N PHE A 385 11.19 24.85 23.77
CA PHE A 385 11.26 23.56 24.42
C PHE A 385 12.51 23.47 25.30
N LEU A 386 13.66 23.81 24.72
CA LEU A 386 14.93 23.75 25.46
C LEU A 386 14.94 24.69 26.67
N ASN A 387 14.35 25.88 26.51
CA ASN A 387 14.24 26.85 27.61
C ASN A 387 13.36 26.37 28.78
N ASN A 388 12.47 25.42 28.49
CA ASN A 388 11.58 24.87 29.50
C ASN A 388 11.84 23.39 29.76
N LEU A 389 12.99 22.91 29.31
CA LEU A 389 13.30 21.48 29.33
C LEU A 389 13.18 20.83 30.71
N THR A 390 13.70 21.50 31.73
CA THR A 390 13.68 21.01 33.10
C THR A 390 12.26 20.65 33.53
N THR A 391 11.30 21.46 33.10
CA THR A 391 9.91 21.31 33.49
C THR A 391 9.30 20.10 32.80
N PHE A 392 9.65 19.88 31.54
CA PHE A 392 9.20 18.69 30.83
C PHE A 392 9.76 17.43 31.50
N ILE A 393 11.04 17.45 31.84
CA ILE A 393 11.73 16.32 32.47
C ILE A 393 11.12 15.99 33.83
N ASP A 394 10.87 17.02 34.62
CA ASP A 394 10.25 16.88 35.93
C ASP A 394 8.86 16.25 35.89
N ASN A 395 8.16 16.42 34.77
CA ASN A 395 6.84 15.82 34.60
C ASN A 395 6.89 14.51 33.82
N GLY A 396 8.08 13.93 33.70
CA GLY A 396 8.23 12.58 33.17
C GLY A 396 8.56 12.38 31.70
N LEU A 397 8.93 13.45 30.98
CA LEU A 397 9.39 13.31 29.58
C LEU A 397 10.39 12.15 29.45
N THR A 398 10.12 11.23 28.51
CA THR A 398 11.02 10.09 28.31
C THR A 398 11.75 10.16 26.97
N GLU A 399 11.15 10.84 26.01
CA GLU A 399 11.63 10.76 24.62
C GLU A 399 11.32 12.00 23.77
N ILE A 400 12.28 12.35 22.91
CA ILE A 400 12.14 13.40 21.90
C ILE A 400 12.20 12.77 20.51
N ALA A 401 11.27 13.14 19.65
CA ALA A 401 11.22 12.57 18.31
C ALA A 401 11.13 13.68 17.28
N ILE A 402 11.85 13.49 16.17
CA ILE A 402 11.84 14.47 15.10
C ILE A 402 11.69 13.79 13.74
N SER A 403 10.87 14.39 12.89
CA SER A 403 10.65 13.91 11.53
C SER A 403 11.72 14.39 10.56
N ASP A 404 12.55 15.34 10.99
CA ASP A 404 13.57 15.92 10.08
C ASP A 404 14.85 15.11 9.92
N LEU A 405 14.95 14.03 10.66
CA LEU A 405 15.99 13.04 10.40
C LEU A 405 15.36 11.71 10.01
N PRO A 406 15.94 11.03 9.01
CA PRO A 406 15.49 9.70 8.57
C PRO A 406 16.07 8.53 9.37
N TYR A 407 15.21 7.78 10.05
CA TYR A 407 15.69 6.68 10.89
C TYR A 407 16.42 5.62 10.08
N ASP A 408 16.02 5.43 8.82
CA ASP A 408 16.59 4.39 7.97
C ASP A 408 18.04 4.65 7.58
N ILE A 409 18.51 5.88 7.77
CA ILE A 409 19.89 6.23 7.46
C ILE A 409 20.73 6.48 8.72
N VAL A 410 20.14 7.11 9.73
CA VAL A 410 20.93 7.62 10.87
C VAL A 410 20.54 7.15 12.28
N GLN A 411 19.62 6.20 12.40
CA GLN A 411 19.21 5.70 13.73
C GLN A 411 20.40 5.11 14.51
N GLN A 412 21.22 4.33 13.82
CA GLN A 412 22.43 3.77 14.41
C GLN A 412 23.41 4.88 14.82
N GLU A 413 23.60 5.86 13.93
CA GLU A 413 24.49 6.99 14.21
C GLU A 413 23.98 7.87 15.37
N ILE A 414 22.66 8.01 15.49
CA ILE A 414 22.08 8.72 16.63
C ILE A 414 22.44 7.98 17.92
N SER A 415 22.24 6.67 17.91
CA SER A 415 22.60 5.83 19.03
C SER A 415 24.09 5.99 19.36
N GLN A 416 24.92 6.10 18.31
CA GLN A 416 26.34 6.39 18.48
C GLN A 416 26.61 7.74 19.15
N PHE A 417 25.93 8.79 18.69
CA PHE A 417 26.05 10.11 19.28
C PHE A 417 25.70 10.10 20.76
N LEU A 418 24.58 9.47 21.10
CA LEU A 418 24.07 9.43 22.48
C LEU A 418 25.02 8.72 23.43
N GLN A 419 25.75 7.74 22.92
CA GLN A 419 26.69 6.94 23.73
C GLN A 419 28.11 7.52 23.74
N GLY A 420 28.28 8.70 23.16
CA GLY A 420 29.57 9.40 23.18
C GLY A 420 30.57 8.95 22.13
N SER A 421 30.10 8.18 21.15
CA SER A 421 30.93 7.77 20.02
C SER A 421 31.12 8.93 19.05
N ASN A 422 32.14 8.82 18.19
CA ASN A 422 32.38 9.84 17.16
C ASN A 422 31.89 9.41 15.78
N GLU A 423 31.39 8.18 15.68
CA GLU A 423 30.91 7.63 14.41
C GLU A 423 29.48 8.07 14.08
N TRP A 424 29.34 9.31 13.65
CA TRP A 424 28.05 9.89 13.26
C TRP A 424 28.22 11.05 12.28
N LYS A 425 29.11 10.86 11.30
CA LYS A 425 29.44 11.90 10.33
C LYS A 425 28.26 12.27 9.42
N THR A 426 27.52 11.26 8.96
CA THR A 426 26.32 11.50 8.14
C THR A 426 25.27 12.30 8.91
N LEU A 427 25.00 11.85 10.13
CA LEU A 427 24.16 12.61 11.07
C LEU A 427 24.64 14.06 11.21
N ASP A 428 25.94 14.23 11.46
CA ASP A 428 26.55 15.55 11.63
C ASP A 428 26.31 16.43 10.40
N ALA A 429 26.57 15.87 9.21
CA ALA A 429 26.33 16.57 7.96
C ALA A 429 24.87 16.94 7.80
N MET A 430 23.99 15.99 8.14
CA MET A 430 22.55 16.23 8.05
C MET A 430 22.11 17.34 9.00
N LEU A 431 22.67 17.36 10.20
CA LEU A 431 22.40 18.46 11.15
C LEU A 431 22.84 19.82 10.62
N PHE A 432 24.02 19.88 10.01
CA PHE A 432 24.50 21.11 9.36
C PHE A 432 23.51 21.62 8.33
N ASN A 433 22.97 20.69 7.54
CA ASN A 433 21.97 21.04 6.55
C ASN A 433 20.69 21.56 7.18
N LEU A 434 20.17 20.85 8.17
CA LEU A 434 19.00 21.27 8.93
C LEU A 434 19.16 22.64 9.58
N ASP A 435 20.34 22.88 10.16
CA ASP A 435 20.62 24.13 10.86
C ASP A 435 21.17 25.22 9.95
N LYS A 436 21.04 25.01 8.63
CA LYS A 436 21.58 25.92 7.61
C LYS A 436 23.05 26.32 7.86
N GLY A 437 23.86 25.34 8.25
CA GLY A 437 25.30 25.55 8.48
C GLY A 437 25.65 26.22 9.80
N ASP A 438 24.62 26.57 10.58
CA ASP A 438 24.84 27.20 11.88
C ASP A 438 25.48 26.21 12.83
N ILE A 439 26.60 26.61 13.40
CA ILE A 439 27.38 25.81 14.33
C ILE A 439 26.59 25.54 15.60
N ASN A 440 25.88 26.56 16.09
CA ASN A 440 25.11 26.47 17.31
C ASN A 440 23.86 25.63 17.08
N GLY A 441 23.05 26.07 16.10
CA GLY A 441 21.94 25.30 15.54
C GLY A 441 20.98 24.58 16.46
N ALA A 442 19.69 24.87 16.30
CA ALA A 442 18.61 24.34 17.15
C ALA A 442 18.47 22.81 17.12
N PHE A 443 18.54 22.22 15.93
CA PHE A 443 18.44 20.77 15.79
C PHE A 443 19.61 20.08 16.48
N ARG A 444 20.81 20.62 16.27
CA ARG A 444 22.01 20.15 16.96
C ARG A 444 21.86 20.28 18.47
N LYS A 445 21.41 21.46 18.91
CA LYS A 445 21.18 21.72 20.34
C LYS A 445 20.16 20.78 20.97
N LEU A 446 19.11 20.48 20.21
CA LEU A 446 18.06 19.54 20.65
C LEU A 446 18.66 18.16 20.89
N LEU A 447 19.44 17.68 19.92
CA LEU A 447 20.14 16.41 20.04
C LEU A 447 21.11 16.43 21.21
N GLN A 448 21.86 17.51 21.31
CA GLN A 448 22.83 17.68 22.39
C GLN A 448 22.13 17.57 23.74
N SER A 449 20.97 18.22 23.86
CA SER A 449 20.22 18.20 25.13
C SER A 449 19.74 16.80 25.54
N ALA A 450 19.37 15.99 24.55
CA ALA A 450 18.93 14.61 24.80
C ALA A 450 20.06 13.77 25.40
N LYS A 451 21.27 13.97 24.89
CA LYS A 451 22.45 13.29 25.40
C LYS A 451 22.76 13.76 26.82
N ASP A 452 22.87 15.07 26.99
CA ASP A 452 23.22 15.69 28.27
C ASP A 452 22.22 15.35 29.38
N ASN A 453 20.96 15.16 28.99
CA ASN A 453 19.90 14.93 29.96
C ASN A 453 19.40 13.49 30.04
N ASN A 454 20.09 12.59 29.33
CA ASN A 454 19.72 11.18 29.24
C ASN A 454 18.25 10.95 28.86
N ILE A 455 17.80 11.68 27.83
CA ILE A 455 16.47 11.51 27.26
C ILE A 455 16.68 10.80 25.92
N LYS A 456 15.80 9.84 25.63
CA LYS A 456 15.81 9.14 24.33
C LYS A 456 15.57 10.11 23.18
N PHE A 457 16.30 9.91 22.09
CA PHE A 457 16.14 10.70 20.87
C PHE A 457 15.83 9.77 19.70
N ARG A 458 14.71 10.03 19.02
CA ARG A 458 14.28 9.19 17.93
C ARG A 458 14.06 9.98 16.64
N ALA A 459 14.64 9.49 15.55
CA ALA A 459 14.28 9.97 14.22
C ALA A 459 13.06 9.17 13.75
N ILE A 460 12.03 9.86 13.27
CA ILE A 460 10.87 9.18 12.69
C ILE A 460 10.66 9.49 11.21
N GLY A 461 11.56 10.27 10.62
CA GLY A 461 11.55 10.47 9.17
C GLY A 461 11.95 9.18 8.47
N HIS A 462 11.50 9.03 7.23
CA HIS A 462 11.87 7.91 6.38
C HIS A 462 12.34 8.51 5.06
N SER A 463 13.58 8.19 4.67
CA SER A 463 14.24 8.91 3.58
C SER A 463 13.67 8.72 2.17
N ASP A 464 13.03 7.59 1.91
CA ASP A 464 12.60 7.32 0.53
C ASP A 464 11.52 8.33 0.11
N ASN A 465 11.71 8.94 -1.06
CA ASN A 465 10.73 9.87 -1.65
C ASN A 465 10.64 11.21 -0.89
N SER A 466 11.72 11.55 -0.16
CA SER A 466 11.72 12.71 0.72
C SER A 466 12.28 14.02 0.14
N VAL A 467 12.78 13.96 -1.09
CA VAL A 467 13.38 15.12 -1.75
C VAL A 467 12.31 15.93 -2.51
N PRO A 468 12.29 17.26 -2.33
CA PRO A 468 11.37 18.11 -3.08
C PRO A 468 11.63 18.06 -4.60
N PRO A 469 10.68 18.55 -5.43
CA PRO A 469 9.47 19.26 -5.05
C PRO A 469 8.33 18.36 -4.60
N PHE A 470 7.61 18.81 -3.58
CA PHE A 470 6.37 18.18 -3.15
C PHE A 470 5.20 18.87 -3.85
N ASN A 471 5.24 18.92 -5.17
CA ASN A 471 4.18 19.57 -5.96
C ASN A 471 3.08 18.61 -6.37
N ASN A 472 2.89 17.57 -5.56
CA ASN A 472 1.92 16.54 -5.83
C ASN A 472 1.42 15.89 -4.54
N PRO A 473 0.09 15.86 -4.35
CA PRO A 473 -0.48 15.38 -3.09
C PRO A 473 -0.26 13.89 -2.82
N TYR A 474 -0.03 13.10 -3.87
CA TYR A 474 0.23 11.67 -3.72
C TYR A 474 1.63 11.42 -3.19
N LYS A 475 2.62 12.17 -3.67
CA LYS A 475 3.98 12.09 -3.14
C LYS A 475 3.97 12.54 -1.68
N SER A 476 3.26 13.63 -1.39
CA SER A 476 3.13 14.15 -0.03
C SER A 476 2.49 13.12 0.91
N LEU A 477 1.43 12.46 0.44
CA LEU A 477 0.73 11.43 1.22
C LEU A 477 1.63 10.22 1.49
N TYR A 478 2.34 9.77 0.46
CA TYR A 478 3.27 8.65 0.57
C TYR A 478 4.29 8.93 1.66
N TYR A 479 4.91 10.11 1.59
CA TYR A 479 5.96 10.50 2.53
C TYR A 479 5.41 10.64 3.96
N LYS A 480 4.28 11.34 4.09
CA LYS A 480 3.65 11.52 5.40
C LYS A 480 3.23 10.18 6.01
N GLY A 481 2.69 9.30 5.19
CA GLY A 481 2.19 8.01 5.65
C GLY A 481 3.27 7.17 6.30
N ASN A 482 4.46 7.16 5.71
CA ASN A 482 5.57 6.39 6.26
C ASN A 482 6.06 6.93 7.61
N ILE A 483 5.99 8.24 7.79
CA ILE A 483 6.38 8.87 9.04
C ILE A 483 5.36 8.57 10.14
N ILE A 484 4.08 8.73 9.82
CA ILE A 484 3.01 8.41 10.75
C ILE A 484 3.06 6.94 11.19
N ALA A 485 3.28 6.04 10.24
CA ALA A 485 3.41 4.61 10.53
C ALA A 485 4.52 4.37 11.54
N GLU A 486 5.68 5.01 11.36
CA GLU A 486 6.79 4.85 12.32
C GLU A 486 6.41 5.41 13.70
N ALA A 487 5.79 6.60 13.72
CA ALA A 487 5.38 7.22 14.99
C ALA A 487 4.36 6.38 15.76
N ILE A 488 3.42 5.75 15.07
CA ILE A 488 2.45 4.87 15.72
C ILE A 488 3.16 3.69 16.38
N GLU A 489 4.09 3.08 15.65
CA GLU A 489 4.80 1.92 16.15
C GLU A 489 5.67 2.27 17.36
N LYS A 490 6.28 3.45 17.32
CA LYS A 490 7.36 3.75 18.26
C LYS A 490 7.01 4.70 19.40
N LEU A 491 5.94 5.48 19.22
CA LEU A 491 5.64 6.56 20.16
C LEU A 491 4.43 6.37 21.08
N ASP A 492 3.31 5.89 20.56
CA ASP A 492 2.17 5.69 21.47
C ASP A 492 2.23 4.32 22.13
N ARG A 493 3.08 4.26 23.15
CA ARG A 493 3.34 3.05 23.90
C ARG A 493 3.24 3.38 25.38
N GLU A 494 2.80 2.42 26.18
CA GLU A 494 2.66 2.60 27.62
C GLU A 494 3.98 3.05 28.27
N GLY A 495 3.88 3.95 29.24
CA GLY A 495 5.04 4.44 29.98
C GLY A 495 5.93 5.43 29.22
N GLN A 496 5.42 5.96 28.12
CA GLN A 496 6.16 6.96 27.35
C GLN A 496 5.47 8.31 27.42
N LYS A 497 6.28 9.34 27.66
CA LYS A 497 5.84 10.73 27.59
C LYS A 497 6.81 11.43 26.66
N PHE A 498 6.30 11.88 25.51
CA PHE A 498 7.18 12.30 24.44
C PHE A 498 6.85 13.69 23.93
N VAL A 499 7.81 14.26 23.21
CA VAL A 499 7.62 15.48 22.43
C VAL A 499 8.07 15.18 21.00
N VAL A 500 7.30 15.63 20.01
CA VAL A 500 7.66 15.45 18.60
C VAL A 500 7.82 16.80 17.92
N PHE A 501 8.84 16.91 17.07
CA PHE A 501 9.03 18.08 16.22
C PHE A 501 8.86 17.66 14.77
N ALA A 502 7.95 18.35 14.07
CA ALA A 502 7.62 17.98 12.71
C ALA A 502 7.09 19.15 11.90
N ASP A 503 7.28 19.07 10.59
CA ASP A 503 6.77 20.06 9.63
C ASP A 503 5.24 20.14 9.77
N SER A 504 4.68 21.34 9.59
CA SER A 504 3.23 21.51 9.77
C SER A 504 2.38 20.58 8.89
N SER A 505 2.87 20.29 7.69
CA SER A 505 2.23 19.32 6.78
C SER A 505 2.12 17.89 7.33
N LEU A 506 2.89 17.58 8.38
CA LEU A 506 2.86 16.25 8.97
C LEU A 506 1.98 16.24 10.22
N LEU A 507 1.92 17.39 10.89
CA LEU A 507 1.28 17.53 12.20
C LEU A 507 -0.21 17.26 12.19
N ASN A 508 -0.94 18.05 11.40
CA ASN A 508 -2.40 17.98 11.28
C ASN A 508 -2.84 17.36 9.96
N SER A 509 -4.13 17.43 9.66
CA SER A 509 -4.68 16.72 8.49
C SER A 509 -4.22 17.33 7.18
N THR A 510 -4.18 16.49 6.15
CA THR A 510 -3.88 16.91 4.79
C THR A 510 -4.78 16.09 3.85
N PRO A 511 -4.93 16.52 2.58
CA PRO A 511 -5.72 15.77 1.60
C PRO A 511 -5.28 14.32 1.37
N GLY A 512 -6.24 13.40 1.42
CA GLY A 512 -5.94 11.97 1.25
C GLY A 512 -6.78 11.33 0.15
N THR A 513 -6.76 10.00 0.09
CA THR A 513 -7.37 9.29 -1.06
C THR A 513 -8.86 9.03 -0.82
N GLY A 514 -9.70 9.95 -1.28
CA GLY A 514 -11.16 9.81 -1.07
C GLY A 514 -11.60 10.24 0.31
N ARG A 515 -10.66 10.76 1.09
CA ARG A 515 -10.92 11.15 2.48
C ARG A 515 -9.69 11.87 3.03
N PRO A 516 -9.78 12.43 4.24
CA PRO A 516 -8.58 13.08 4.76
C PRO A 516 -7.48 12.10 5.17
N MET A 517 -6.24 12.57 5.08
CA MET A 517 -5.11 11.92 5.75
C MET A 517 -4.90 12.63 7.11
N PRO A 518 -5.20 11.94 8.22
CA PRO A 518 -5.03 12.56 9.53
C PRO A 518 -3.56 12.82 9.77
N GLY A 519 -3.25 13.77 10.66
CA GLY A 519 -1.87 14.11 10.95
C GLY A 519 -1.31 13.27 12.06
N LEU A 520 -0.02 13.44 12.36
CA LEU A 520 0.63 12.69 13.44
C LEU A 520 -0.13 12.86 14.74
N VAL A 521 -0.65 14.07 14.91
CA VAL A 521 -1.23 14.54 16.14
C VAL A 521 -2.59 13.87 16.37
N GLN A 522 -3.36 13.71 15.29
CA GLN A 522 -4.61 12.95 15.36
C GLN A 522 -4.36 11.48 15.65
N TYR A 523 -3.43 10.86 14.93
CA TYR A 523 -3.12 9.46 15.19
C TYR A 523 -2.56 9.24 16.59
N LEU A 524 -1.76 10.18 17.09
CA LEU A 524 -1.13 10.01 18.42
C LEU A 524 -1.97 10.54 19.58
N LYS A 525 -3.12 11.13 19.26
CA LYS A 525 -4.05 11.63 20.28
C LYS A 525 -3.44 12.76 21.13
N ILE A 526 -2.71 13.65 20.48
CA ILE A 526 -2.04 14.77 21.17
C ILE A 526 -2.35 16.08 20.44
N PRO A 527 -2.06 17.24 21.07
CA PRO A 527 -2.20 18.50 20.33
C PRO A 527 -0.96 18.91 19.53
N ALA A 528 -1.16 19.55 18.38
CA ALA A 528 -0.06 20.23 17.69
C ALA A 528 0.06 21.69 18.12
N THR A 529 1.29 22.16 18.23
CA THR A 529 1.54 23.52 18.71
C THR A 529 2.59 24.25 17.88
N VAL A 530 2.67 25.57 18.09
CA VAL A 530 3.66 26.42 17.44
C VAL A 530 4.11 27.49 18.43
N VAL A 531 5.30 28.02 18.23
CA VAL A 531 5.79 29.13 19.04
C VAL A 531 5.89 30.40 18.17
N ASP A 532 5.13 31.43 18.55
CA ASP A 532 5.13 32.77 17.96
C ASP A 532 6.50 33.41 17.76
N SER A 533 6.51 34.48 16.97
CA SER A 533 7.63 35.41 16.92
C SER A 533 7.73 36.16 18.24
N ASP A 534 6.59 36.31 18.92
CA ASP A 534 6.53 36.89 20.26
C ASP A 534 7.01 35.91 21.32
N GLY A 535 7.21 34.65 20.91
CA GLY A 535 7.60 33.59 21.84
C GLY A 535 6.43 32.92 22.55
N ALA A 536 5.22 33.25 22.12
CA ALA A 536 4.01 32.66 22.68
C ALA A 536 3.82 31.24 22.15
N TRP A 537 3.48 30.33 23.06
CA TRP A 537 3.27 28.92 22.73
C TRP A 537 1.77 28.69 22.53
N GLN A 538 1.37 28.35 21.32
CA GLN A 538 -0.05 28.24 21.04
C GLN A 538 -0.44 27.00 20.26
N PHE A 539 -1.72 26.66 20.39
CA PHE A 539 -2.32 25.53 19.70
C PHE A 539 -2.35 25.77 18.20
N LEU A 540 -2.15 24.69 17.46
CA LEU A 540 -2.20 24.70 16.01
C LEU A 540 -3.42 23.86 15.59
N PRO A 541 -4.57 24.50 15.35
CA PRO A 541 -5.82 23.80 15.03
C PRO A 541 -5.78 23.00 13.73
N ASP A 542 -6.56 21.92 13.68
CA ASP A 542 -6.72 21.16 12.44
C ASP A 542 -7.79 21.86 11.61
N VAL A 543 -7.35 22.61 10.62
CA VAL A 543 -8.24 23.48 9.84
C VAL A 543 -9.15 22.67 8.89
N ALA A 544 -10.39 23.15 8.71
CA ALA A 544 -11.41 22.45 7.91
C ALA A 544 -10.99 22.26 6.46
N SER A 545 -10.36 23.28 5.88
CA SER A 545 -9.93 23.22 4.48
C SER A 545 -8.89 22.14 4.15
N SER A 546 -8.21 21.62 5.17
CA SER A 546 -7.19 20.59 4.98
C SER A 546 -7.71 19.18 5.22
N ARG A 547 -8.83 19.09 5.94
CA ARG A 547 -9.41 17.83 6.31
C ARG A 547 -10.37 17.40 5.20
N VAL A 548 -9.79 17.12 4.02
CA VAL A 548 -10.56 16.91 2.78
C VAL A 548 -9.93 15.79 1.94
N PRO A 549 -10.68 15.24 0.96
CA PRO A 549 -10.03 14.37 -0.04
C PRO A 549 -9.18 15.17 -1.01
N ILE A 550 -8.17 14.53 -1.59
CA ILE A 550 -7.45 15.09 -2.73
C ILE A 550 -8.50 15.28 -3.84
N GLU A 551 -8.42 16.39 -4.57
CA GLU A 551 -9.34 16.65 -5.68
C GLU A 551 -8.94 15.78 -6.87
N VAL A 552 -9.92 15.10 -7.45
CA VAL A 552 -9.66 14.17 -8.56
C VAL A 552 -10.43 14.48 -9.85
N THR A 553 -9.85 14.07 -10.96
CA THR A 553 -10.54 13.88 -12.22
C THR A 553 -10.64 12.37 -12.40
N GLU A 554 -11.81 11.90 -12.80
CA GLU A 554 -11.97 10.49 -13.13
C GLU A 554 -10.87 10.02 -14.08
N LEU A 555 -10.31 8.84 -13.83
CA LEU A 555 -9.41 8.21 -14.79
C LEU A 555 -10.18 7.92 -16.07
N GLU A 556 -9.49 7.98 -17.21
CA GLU A 556 -10.15 7.85 -18.50
C GLU A 556 -11.09 6.65 -18.57
N ASN A 557 -12.38 6.94 -18.78
CA ASN A 557 -13.40 5.92 -19.00
C ASN A 557 -13.60 4.92 -17.85
N TRP A 558 -13.17 5.32 -16.64
CA TRP A 558 -13.09 4.43 -15.47
C TRP A 558 -14.41 3.75 -15.15
N GLN A 559 -14.34 2.46 -14.83
CA GLN A 559 -15.50 1.70 -14.37
C GLN A 559 -15.24 1.33 -12.93
N VAL A 560 -16.27 1.47 -12.09
CA VAL A 560 -16.18 1.03 -10.71
C VAL A 560 -15.83 -0.46 -10.68
N LEU A 561 -14.87 -0.82 -9.83
CA LEU A 561 -14.41 -2.20 -9.73
C LEU A 561 -15.12 -3.01 -8.62
N THR A 562 -15.36 -2.38 -7.47
CA THR A 562 -16.04 -3.05 -6.36
C THR A 562 -17.40 -3.64 -6.77
N PRO A 563 -17.71 -4.87 -6.31
CA PRO A 563 -18.97 -5.55 -6.61
C PRO A 563 -20.18 -4.79 -6.06
N PRO A 564 -21.39 -5.12 -6.55
CA PRO A 564 -22.58 -4.31 -6.25
C PRO A 564 -23.17 -4.43 -4.83
N GLN A 565 -23.39 -5.63 -4.32
CA GLN A 565 -24.36 -5.79 -3.22
C GLN A 565 -23.98 -6.86 -2.26
N GLY A 566 -23.70 -6.49 -1.03
CA GLY A 566 -23.41 -7.55 -0.09
C GLY A 566 -22.10 -8.20 -0.49
N LYS A 567 -22.14 -9.41 -1.04
CA LYS A 567 -20.90 -10.18 -1.03
C LYS A 567 -20.78 -11.37 -1.98
N ILE A 568 -19.67 -11.41 -2.72
CA ILE A 568 -19.22 -12.62 -3.39
C ILE A 568 -18.55 -13.51 -2.35
N LEU A 569 -19.11 -14.70 -2.13
CA LEU A 569 -18.61 -15.58 -1.09
C LEU A 569 -17.24 -16.10 -1.45
N GLY A 570 -17.06 -16.40 -2.74
CA GLY A 570 -15.76 -16.82 -3.28
C GLY A 570 -15.91 -17.09 -4.77
N LEU A 571 -14.82 -16.91 -5.51
CA LEU A 571 -14.79 -17.23 -6.94
C LEU A 571 -14.29 -18.65 -7.10
N LYS A 572 -15.15 -19.59 -6.70
CA LYS A 572 -14.86 -21.00 -6.76
C LYS A 572 -16.17 -21.77 -6.66
N GLN A 573 -16.10 -23.08 -6.83
CA GLN A 573 -17.25 -23.93 -6.50
C GLN A 573 -17.18 -24.34 -5.03
N PHE A 574 -18.28 -24.12 -4.32
CA PHE A 574 -18.35 -24.53 -2.93
C PHE A 574 -18.80 -25.98 -2.82
N LYS A 575 -18.32 -26.66 -1.78
CA LYS A 575 -18.61 -28.08 -1.55
C LYS A 575 -18.66 -28.35 -0.05
N LEU A 576 -19.38 -29.40 0.32
CA LEU A 576 -19.39 -29.90 1.68
C LEU A 576 -18.00 -30.46 2.02
N THR A 577 -17.48 -30.11 3.20
CA THR A 577 -16.16 -30.55 3.64
C THR A 577 -16.27 -31.97 4.19
N ALA A 578 -17.18 -32.14 5.13
CA ALA A 578 -17.50 -33.44 5.68
C ALA A 578 -18.69 -34.02 4.91
N GLY A 579 -19.66 -34.51 5.65
CA GLY A 579 -20.91 -34.96 5.06
C GLY A 579 -21.92 -33.84 5.17
N PHE A 580 -23.19 -34.19 5.19
CA PHE A 580 -24.25 -33.21 5.36
C PHE A 580 -24.17 -32.58 6.74
N PRO A 581 -24.48 -31.28 6.82
CA PRO A 581 -24.57 -30.63 8.12
C PRO A 581 -25.71 -31.23 8.94
N THR A 582 -25.57 -31.20 10.26
CA THR A 582 -26.59 -31.72 11.15
C THR A 582 -26.84 -30.68 12.23
N GLU A 583 -27.89 -30.88 13.01
CA GLU A 583 -28.16 -30.01 14.15
C GLU A 583 -26.99 -30.04 15.13
N GLN A 584 -26.39 -31.23 15.29
CA GLN A 584 -25.18 -31.40 16.09
C GLN A 584 -24.02 -30.52 15.58
N SER A 585 -23.75 -30.57 14.28
CA SER A 585 -22.65 -29.79 13.70
C SER A 585 -22.93 -28.29 13.76
N ARG A 586 -24.21 -27.93 13.63
CA ARG A 586 -24.62 -26.52 13.69
C ARG A 586 -24.58 -25.89 15.08
N LEU A 587 -24.62 -26.70 16.14
CA LEU A 587 -24.69 -26.13 17.49
C LEU A 587 -23.56 -25.14 17.83
N PRO A 588 -22.28 -25.53 17.58
CA PRO A 588 -21.20 -24.54 17.80
C PRO A 588 -21.40 -23.20 17.10
N LEU A 589 -21.90 -23.22 15.86
CA LEU A 589 -22.12 -21.99 15.10
C LEU A 589 -23.10 -21.08 15.82
N LEU A 590 -24.10 -21.70 16.46
CA LEU A 590 -25.12 -20.94 17.19
C LEU A 590 -24.58 -20.41 18.52
N GLU A 591 -23.91 -21.27 19.29
CA GLU A 591 -23.41 -20.88 20.59
C GLU A 591 -22.23 -19.91 20.52
N ASN A 592 -21.50 -19.93 19.41
CA ASN A 592 -20.39 -19.00 19.20
C ASN A 592 -20.81 -17.66 18.61
N SER A 593 -22.07 -17.57 18.18
CA SER A 593 -22.60 -16.35 17.59
C SER A 593 -22.91 -15.29 18.63
N VAL A 594 -22.96 -15.72 19.89
CA VAL A 594 -23.44 -14.85 20.96
C VAL A 594 -22.63 -15.11 22.24
N SER A 595 -22.58 -14.12 23.13
CA SER A 595 -21.87 -14.25 24.40
C SER A 595 -22.55 -15.28 25.30
N GLU A 596 -21.76 -15.90 26.18
CA GLU A 596 -22.23 -16.96 27.08
C GLU A 596 -23.50 -16.61 27.87
N ASP A 597 -23.65 -15.34 28.22
CA ASP A 597 -24.81 -14.84 28.99
C ASP A 597 -26.09 -14.68 28.16
N LEU A 598 -25.95 -14.72 26.84
CA LEU A 598 -27.11 -14.60 25.95
C LEU A 598 -27.47 -15.95 25.31
N ARG A 599 -26.60 -16.93 25.52
CA ARG A 599 -26.73 -18.26 24.91
C ARG A 599 -28.07 -18.93 25.17
N GLU A 600 -28.44 -19.00 26.46
CA GLU A 600 -29.64 -19.68 26.90
C GLU A 600 -30.90 -19.06 26.28
N GLU A 601 -30.93 -17.73 26.24
CA GLU A 601 -32.07 -17.03 25.65
C GLU A 601 -32.17 -17.30 24.15
N LEU A 602 -31.04 -17.21 23.45
CA LEU A 602 -30.99 -17.56 22.03
C LEU A 602 -31.54 -18.95 21.75
N MET A 603 -31.06 -19.96 22.48
CA MET A 603 -31.50 -21.33 22.26
C MET A 603 -33.00 -21.53 22.54
N GLN A 604 -33.49 -20.80 23.54
CA GLN A 604 -34.91 -20.80 23.87
C GLN A 604 -35.78 -20.25 22.72
N LYS A 605 -35.32 -19.16 22.11
CA LYS A 605 -36.02 -18.56 20.97
C LYS A 605 -36.01 -19.49 19.77
N ILE A 606 -34.87 -20.14 19.55
CA ILE A 606 -34.70 -21.09 18.46
C ILE A 606 -35.63 -22.29 18.66
N ASP A 607 -35.69 -22.80 19.90
CA ASP A 607 -36.63 -23.86 20.26
C ASP A 607 -38.08 -23.47 19.97
N ALA A 608 -38.45 -22.26 20.42
CA ALA A 608 -39.79 -21.70 20.19
C ALA A 608 -40.20 -21.71 18.71
N ILE A 609 -39.32 -21.18 17.86
CA ILE A 609 -39.56 -21.12 16.43
C ILE A 609 -39.71 -22.52 15.84
N LYS A 610 -38.79 -23.42 16.19
CA LYS A 610 -38.83 -24.77 15.64
C LYS A 610 -40.05 -25.54 16.11
N ASN A 611 -40.55 -25.19 17.29
CA ASN A 611 -41.75 -25.80 17.85
C ASN A 611 -43.03 -24.98 17.69
N ASP A 612 -43.02 -24.02 16.77
CA ASP A 612 -44.22 -23.25 16.50
C ASP A 612 -45.09 -23.96 15.46
N VAL A 613 -46.37 -24.18 15.79
CA VAL A 613 -47.29 -24.89 14.90
C VAL A 613 -47.44 -24.17 13.56
N LYS A 614 -47.63 -22.85 13.63
CA LYS A 614 -47.81 -22.07 12.41
C LYS A 614 -46.55 -22.04 11.53
N MET A 615 -45.37 -21.94 12.16
CA MET A 615 -44.10 -22.05 11.45
C MET A 615 -43.93 -23.39 10.75
N ASN A 616 -44.33 -24.45 11.43
CA ASN A 616 -44.25 -25.77 10.83
C ASN A 616 -45.22 -25.97 9.69
N SER A 617 -46.38 -25.32 9.77
CA SER A 617 -47.35 -25.32 8.66
C SER A 617 -46.75 -24.71 7.39
N LEU A 618 -45.77 -23.83 7.57
CA LEU A 618 -45.18 -23.08 6.46
C LEU A 618 -44.09 -23.85 5.74
N VAL A 619 -43.63 -24.94 6.36
CA VAL A 619 -42.52 -25.73 5.84
C VAL A 619 -42.78 -26.21 4.40
N CYS A 620 -41.82 -25.94 3.53
CA CYS A 620 -41.90 -26.31 2.12
C CYS A 620 -40.64 -27.09 1.74
N MET A 621 -40.77 -28.14 0.94
CA MET A 621 -39.59 -28.91 0.55
C MET A 621 -39.56 -29.39 -0.91
N GLU A 622 -40.53 -28.95 -1.70
CA GLU A 622 -40.50 -29.22 -3.13
C GLU A 622 -39.86 -28.05 -3.87
N ALA A 623 -38.70 -28.34 -4.47
CA ALA A 623 -37.91 -27.39 -5.23
C ALA A 623 -38.75 -26.58 -6.20
N GLY A 624 -38.65 -25.27 -6.12
CA GLY A 624 -39.36 -24.39 -7.05
C GLY A 624 -40.75 -23.95 -6.65
N SER A 625 -41.31 -24.54 -5.59
CA SER A 625 -42.67 -24.18 -5.17
C SER A 625 -42.72 -23.44 -3.82
N CYS A 626 -41.57 -22.93 -3.38
CA CYS A 626 -41.48 -22.32 -2.06
C CYS A 626 -41.22 -20.81 -2.11
N ASP A 627 -41.39 -20.20 -3.27
CA ASP A 627 -40.99 -18.80 -3.46
C ASP A 627 -41.69 -17.77 -2.57
N SER A 628 -42.89 -18.11 -2.09
CA SER A 628 -43.67 -17.18 -1.26
C SER A 628 -43.54 -17.43 0.24
N VAL A 629 -42.64 -18.33 0.62
CA VAL A 629 -42.50 -18.72 2.02
C VAL A 629 -41.89 -17.65 2.94
N SER A 630 -40.82 -16.97 2.51
CA SER A 630 -40.13 -16.04 3.44
C SER A 630 -41.00 -14.89 4.01
N PRO A 631 -41.86 -14.25 3.20
CA PRO A 631 -42.70 -13.25 3.87
C PRO A 631 -43.65 -13.85 4.94
N LYS A 632 -44.11 -15.08 4.72
CA LYS A 632 -45.00 -15.75 5.67
C LYS A 632 -44.23 -16.06 6.96
N VAL A 633 -42.99 -16.48 6.82
CA VAL A 633 -42.12 -16.68 7.99
C VAL A 633 -41.91 -15.38 8.74
N ALA A 634 -41.57 -14.29 8.03
CA ALA A 634 -41.36 -13.00 8.69
C ALA A 634 -42.63 -12.54 9.45
N ALA A 635 -43.79 -12.79 8.87
CA ALA A 635 -45.07 -12.40 9.48
C ALA A 635 -45.31 -13.18 10.78
N ARG A 636 -45.03 -14.49 10.76
CA ARG A 636 -45.18 -15.30 11.97
C ARG A 636 -44.17 -14.89 13.04
N LEU A 637 -42.92 -14.65 12.66
CA LEU A 637 -41.91 -14.17 13.61
C LEU A 637 -42.37 -12.90 14.33
N LYS A 638 -43.02 -12.00 13.58
CA LYS A 638 -43.57 -10.77 14.13
C LYS A 638 -44.66 -11.08 15.14
N ASP A 639 -45.62 -11.91 14.74
CA ASP A 639 -46.71 -12.34 15.63
C ASP A 639 -46.21 -13.07 16.87
N MET A 640 -45.05 -13.73 16.77
CA MET A 640 -44.42 -14.37 17.93
C MET A 640 -43.72 -13.37 18.86
N GLY A 641 -43.66 -12.11 18.44
CA GLY A 641 -43.02 -11.08 19.25
C GLY A 641 -41.52 -10.92 19.05
N LEU A 642 -40.98 -11.61 18.04
CA LEU A 642 -39.56 -11.52 17.73
C LEU A 642 -39.27 -10.29 16.88
N GLU A 643 -38.01 -9.87 16.85
CA GLU A 643 -37.62 -8.70 16.07
C GLU A 643 -37.30 -9.10 14.63
N ALA A 644 -37.92 -8.42 13.69
CA ALA A 644 -37.71 -8.66 12.26
C ALA A 644 -36.26 -8.39 11.83
N GLY A 645 -35.77 -9.24 10.93
CA GLY A 645 -34.48 -8.99 10.28
C GLY A 645 -34.77 -8.62 8.83
N MET A 646 -33.73 -8.15 8.13
CA MET A 646 -33.81 -7.86 6.69
C MET A 646 -33.96 -9.13 5.88
N GLY A 647 -33.41 -10.23 6.40
CA GLY A 647 -33.39 -11.50 5.68
C GLY A 647 -32.11 -11.60 4.87
N ALA A 648 -32.03 -12.59 4.01
CA ALA A 648 -30.86 -12.78 3.18
C ALA A 648 -31.22 -13.62 1.96
N SER A 649 -30.48 -13.39 0.87
CA SER A 649 -30.66 -14.17 -0.34
C SER A 649 -29.29 -14.57 -0.87
N ILE A 650 -29.24 -15.74 -1.50
CA ILE A 650 -28.01 -16.22 -2.10
C ILE A 650 -28.32 -16.75 -3.50
N THR A 651 -27.42 -16.45 -4.44
CA THR A 651 -27.61 -16.88 -5.83
C THR A 651 -26.27 -17.36 -6.38
N TRP A 652 -26.31 -18.28 -7.33
CA TRP A 652 -25.10 -18.93 -7.81
C TRP A 652 -25.30 -19.48 -9.21
N TRP A 653 -24.23 -20.01 -9.79
CA TRP A 653 -24.30 -20.59 -11.12
C TRP A 653 -24.29 -22.10 -11.02
N ARG A 654 -24.99 -22.73 -11.97
CA ARG A 654 -25.05 -24.19 -12.02
C ARG A 654 -24.83 -24.67 -13.45
N ARG A 655 -23.94 -25.65 -13.61
CA ARG A 655 -23.69 -26.23 -14.94
C ARG A 655 -24.97 -26.84 -15.49
N GLU A 656 -25.29 -26.49 -16.73
CA GLU A 656 -26.43 -27.08 -17.45
C GLU A 656 -25.94 -27.80 -18.69
N GLY A 657 -26.78 -28.67 -19.25
CA GLY A 657 -26.48 -29.37 -20.51
C GLY A 657 -25.94 -28.47 -21.59
N GLY A 658 -25.02 -29.00 -22.41
CA GLY A 658 -24.41 -28.24 -23.50
C GLY A 658 -23.64 -27.00 -23.09
N MET A 659 -22.89 -27.10 -21.99
CA MET A 659 -21.95 -26.07 -21.53
C MET A 659 -22.59 -24.71 -21.14
N GLU A 660 -23.89 -24.71 -20.88
CA GLU A 660 -24.58 -23.53 -20.38
C GLU A 660 -24.44 -23.49 -18.85
N PHE A 661 -24.66 -22.32 -18.27
CA PHE A 661 -24.78 -22.17 -16.82
C PHE A 661 -26.07 -21.43 -16.50
N SER A 662 -26.86 -21.99 -15.58
CA SER A 662 -28.08 -21.34 -15.11
C SER A 662 -27.78 -20.60 -13.82
N HIS A 663 -28.62 -19.63 -13.47
CA HIS A 663 -28.59 -19.05 -12.12
C HIS A 663 -29.58 -19.82 -11.24
N GLN A 664 -29.20 -20.07 -9.99
CA GLN A 664 -30.04 -20.75 -9.01
C GLN A 664 -30.01 -19.88 -7.76
N MET A 665 -31.10 -19.83 -7.01
CA MET A 665 -31.14 -18.96 -5.83
C MET A 665 -31.95 -19.51 -4.67
N HIS A 666 -31.80 -18.85 -3.52
CA HIS A 666 -32.56 -19.20 -2.34
C HIS A 666 -32.64 -17.95 -1.48
N THR A 667 -33.60 -17.92 -0.57
CA THR A 667 -33.84 -16.74 0.25
C THR A 667 -34.42 -17.16 1.60
N THR A 668 -34.25 -16.31 2.61
CA THR A 668 -34.76 -16.62 3.94
C THR A 668 -35.13 -15.33 4.67
N ALA A 669 -36.21 -15.41 5.47
CA ALA A 669 -36.47 -14.44 6.52
C ALA A 669 -35.47 -14.64 7.65
N SER A 670 -35.43 -13.69 8.58
CA SER A 670 -34.56 -13.79 9.73
C SER A 670 -35.19 -13.06 10.91
N PHE A 671 -34.70 -13.37 12.11
CA PHE A 671 -35.03 -12.55 13.28
C PHE A 671 -33.73 -11.93 13.76
N LYS A 672 -33.85 -10.86 14.53
CA LYS A 672 -32.70 -10.12 15.00
C LYS A 672 -32.57 -10.31 16.51
N PHE A 673 -31.40 -10.73 16.94
CA PHE A 673 -31.13 -10.91 18.36
C PHE A 673 -29.67 -10.58 18.65
N ALA A 674 -29.46 -9.78 19.69
CA ALA A 674 -28.13 -9.37 20.14
C ALA A 674 -27.28 -8.81 19.01
N GLY A 675 -27.86 -7.94 18.20
CA GLY A 675 -27.13 -7.30 17.12
C GLY A 675 -26.94 -8.10 15.84
N LYS A 676 -27.17 -9.42 15.90
CA LYS A 676 -27.00 -10.31 14.74
C LYS A 676 -28.32 -10.80 14.14
N GLU A 677 -28.28 -11.17 12.85
CA GLU A 677 -29.44 -11.77 12.19
C GLU A 677 -29.32 -13.29 12.12
N PHE A 678 -30.42 -13.97 12.39
CA PHE A 678 -30.46 -15.43 12.37
C PHE A 678 -31.49 -15.88 11.36
N ALA A 679 -31.04 -16.56 10.31
CA ALA A 679 -31.95 -17.08 9.29
C ALA A 679 -32.97 -18.03 9.92
N VAL A 680 -34.23 -17.92 9.49
CA VAL A 680 -35.28 -18.87 9.83
C VAL A 680 -35.81 -19.41 8.51
N ASP A 681 -35.24 -20.52 8.08
CA ASP A 681 -35.41 -20.98 6.71
C ASP A 681 -36.25 -22.27 6.70
N ALA A 682 -37.55 -22.10 6.44
CA ALA A 682 -38.51 -23.17 6.45
C ALA A 682 -38.62 -23.90 5.10
N SER A 683 -37.75 -23.57 4.16
CA SER A 683 -37.78 -24.23 2.86
C SER A 683 -36.44 -24.79 2.40
N HIS A 684 -35.50 -24.97 3.33
CA HIS A 684 -34.16 -25.46 2.99
C HIS A 684 -34.11 -26.94 2.58
N LEU A 685 -35.16 -27.70 2.91
CA LEU A 685 -35.21 -29.12 2.55
C LEU A 685 -35.49 -29.35 1.06
N GLN A 686 -35.72 -28.27 0.32
CA GLN A 686 -35.77 -28.39 -1.14
C GLN A 686 -34.39 -28.75 -1.70
N PHE A 687 -33.36 -28.58 -0.87
CA PHE A 687 -31.97 -28.85 -1.24
C PHE A 687 -31.47 -30.09 -0.53
N VAL A 688 -30.49 -30.74 -1.13
CA VAL A 688 -29.93 -31.99 -0.60
C VAL A 688 -29.50 -31.85 0.87
N HIS A 689 -29.80 -32.87 1.68
CA HIS A 689 -29.71 -32.76 3.13
C HIS A 689 -29.55 -34.12 3.79
N ASP A 690 -29.11 -34.10 5.05
CA ASP A 690 -29.09 -35.31 5.86
C ASP A 690 -30.51 -35.88 6.00
N GLN A 691 -30.64 -37.20 6.00
CA GLN A 691 -31.94 -37.87 6.02
C GLN A 691 -32.88 -37.47 7.14
N LEU A 692 -32.32 -37.24 8.33
CA LEU A 692 -33.15 -36.91 9.48
C LEU A 692 -33.07 -35.43 9.88
N ASP A 693 -32.78 -34.57 8.91
CA ASP A 693 -32.57 -33.15 9.17
C ASP A 693 -33.85 -32.45 9.60
N THR A 694 -33.70 -31.44 10.46
CA THR A 694 -34.78 -30.55 10.88
C THR A 694 -35.44 -29.88 9.65
N THR A 695 -36.73 -29.56 9.75
CA THR A 695 -37.47 -28.91 8.66
C THR A 695 -37.21 -27.40 8.57
N ILE A 696 -36.85 -26.78 9.70
CA ILE A 696 -36.62 -25.34 9.72
C ILE A 696 -35.16 -25.08 10.09
N LEU A 697 -34.43 -24.50 9.15
CA LEU A 697 -33.01 -24.20 9.34
C LEU A 697 -32.78 -22.84 9.98
N ILE A 698 -32.15 -22.83 11.15
CA ILE A 698 -31.83 -21.59 11.85
C ILE A 698 -30.33 -21.49 12.08
N LEU A 699 -29.71 -20.49 11.45
CA LEU A 699 -28.29 -20.20 11.62
C LEU A 699 -28.03 -18.71 11.50
N PRO A 700 -26.91 -18.22 12.05
CA PRO A 700 -26.56 -16.85 11.73
C PRO A 700 -26.43 -16.72 10.22
N VAL A 701 -26.86 -15.58 9.67
CA VAL A 701 -27.03 -15.46 8.22
C VAL A 701 -25.81 -15.90 7.38
N ASP A 702 -24.60 -15.54 7.84
CA ASP A 702 -23.38 -15.94 7.10
C ASP A 702 -23.16 -17.44 7.07
N ASP A 703 -23.48 -18.10 8.18
CA ASP A 703 -23.39 -19.56 8.28
C ASP A 703 -24.47 -20.22 7.43
N TRP A 704 -25.66 -19.62 7.43
CA TRP A 704 -26.74 -20.05 6.53
C TRP A 704 -26.28 -19.99 5.07
N ALA A 705 -25.74 -18.85 4.64
CA ALA A 705 -25.29 -18.69 3.24
C ALA A 705 -24.27 -19.75 2.87
N LEU A 706 -23.29 -19.96 3.75
CA LEU A 706 -22.24 -20.94 3.54
C LEU A 706 -22.84 -22.35 3.40
N GLU A 707 -23.74 -22.70 4.30
CA GLU A 707 -24.38 -24.02 4.25
C GLU A 707 -25.13 -24.26 2.95
N ILE A 708 -25.93 -23.28 2.54
CA ILE A 708 -26.68 -23.38 1.30
C ILE A 708 -25.76 -23.50 0.08
N ALA A 709 -24.70 -22.70 0.04
CA ALA A 709 -23.77 -22.75 -1.08
C ALA A 709 -23.09 -24.11 -1.16
N GLN A 710 -22.66 -24.63 -0.02
CA GLN A 710 -21.94 -25.90 0.03
C GLN A 710 -22.84 -27.08 -0.37
N ARG A 711 -24.05 -27.11 0.20
CA ARG A 711 -24.98 -28.20 -0.10
C ARG A 711 -25.32 -28.27 -1.59
N ASN A 712 -25.40 -27.09 -2.20
CA ASN A 712 -25.77 -26.98 -3.60
C ASN A 712 -24.60 -26.96 -4.57
N ARG A 713 -23.38 -27.18 -4.04
CA ARG A 713 -22.15 -27.13 -4.84
C ARG A 713 -22.15 -25.87 -5.72
N ALA A 714 -22.48 -24.74 -5.08
CA ALA A 714 -22.65 -23.45 -5.74
C ALA A 714 -21.36 -22.96 -6.37
N ILE A 715 -21.48 -22.47 -7.61
CA ILE A 715 -20.36 -21.85 -8.31
C ILE A 715 -20.47 -20.33 -8.22
N ASN A 716 -19.40 -19.71 -7.74
CA ASN A 716 -19.30 -18.25 -7.60
C ASN A 716 -20.52 -17.62 -6.91
N PRO A 717 -20.88 -18.12 -5.71
CA PRO A 717 -22.09 -17.66 -5.03
C PRO A 717 -22.00 -16.20 -4.57
N PHE A 718 -23.15 -15.54 -4.62
CA PHE A 718 -23.28 -14.14 -4.25
C PHE A 718 -24.43 -13.96 -3.25
N VAL A 719 -24.18 -13.19 -2.20
CA VAL A 719 -25.16 -12.97 -1.13
C VAL A 719 -25.60 -11.50 -1.11
N GLU A 720 -26.90 -11.28 -1.03
CA GLU A 720 -27.41 -9.96 -0.67
C GLU A 720 -28.19 -10.09 0.62
N TYR A 721 -27.97 -9.17 1.54
CA TYR A 721 -28.57 -9.24 2.89
C TYR A 721 -29.99 -8.64 2.96
N VAL A 722 -30.87 -9.17 2.12
CA VAL A 722 -32.31 -8.88 2.13
C VAL A 722 -33.03 -10.11 1.56
N SER A 723 -34.20 -10.41 2.12
CA SER A 723 -35.04 -11.49 1.56
C SER A 723 -35.75 -11.00 0.30
N LYS A 724 -36.10 -11.93 -0.58
CA LYS A 724 -36.64 -11.57 -1.88
C LYS A 724 -37.82 -12.46 -2.22
N THR A 725 -38.76 -11.95 -3.00
CA THR A 725 -39.85 -12.74 -3.48
C THR A 725 -40.24 -12.31 -4.91
N GLY A 726 -41.02 -13.14 -5.60
CA GLY A 726 -41.52 -12.81 -6.93
C GLY A 726 -40.37 -12.63 -7.92
N ASN A 727 -40.48 -11.63 -8.79
CA ASN A 727 -39.44 -11.35 -9.80
C ASN A 727 -38.07 -11.05 -9.21
N MET A 728 -38.04 -10.40 -8.06
CA MET A 728 -36.80 -9.98 -7.45
C MET A 728 -36.02 -11.18 -6.96
N LEU A 729 -36.74 -12.25 -6.64
CA LEU A 729 -36.12 -13.53 -6.34
C LEU A 729 -35.76 -14.32 -7.60
N ALA A 730 -36.75 -14.49 -8.50
CA ALA A 730 -36.62 -15.40 -9.66
C ALA A 730 -35.46 -15.06 -10.59
N LEU A 731 -35.19 -13.76 -10.73
CA LEU A 731 -34.12 -13.26 -11.63
C LEU A 731 -32.89 -12.74 -10.87
N PHE A 732 -32.82 -13.03 -9.57
CA PHE A 732 -31.65 -12.70 -8.75
C PHE A 732 -30.47 -13.59 -9.14
N MET A 733 -29.42 -12.97 -9.68
CA MET A 733 -28.25 -13.71 -10.16
C MET A 733 -26.95 -13.04 -9.75
N PRO A 734 -25.84 -13.81 -9.69
CA PRO A 734 -24.56 -13.22 -9.30
C PRO A 734 -24.12 -12.15 -10.29
N PRO A 735 -23.16 -11.28 -9.88
CA PRO A 735 -22.58 -10.34 -10.83
C PRO A 735 -22.16 -11.07 -12.10
N LEU A 736 -22.47 -10.47 -13.24
CA LEU A 736 -22.32 -11.17 -14.52
C LEU A 736 -20.88 -11.51 -14.92
N PHE A 737 -19.92 -10.73 -14.43
CA PHE A 737 -18.50 -11.05 -14.69
C PHE A 737 -18.09 -12.38 -14.06
N THR A 738 -18.90 -12.90 -13.14
CA THR A 738 -18.63 -14.19 -12.49
C THR A 738 -19.29 -15.40 -13.18
N LYS A 739 -20.17 -15.17 -14.15
CA LYS A 739 -20.67 -16.30 -14.94
C LYS A 739 -19.48 -17.00 -15.60
N PRO A 740 -19.30 -18.30 -15.32
CA PRO A 740 -18.09 -19.00 -15.77
C PRO A 740 -17.82 -18.90 -17.26
N ARG A 741 -16.59 -18.59 -17.61
CA ARG A 741 -16.18 -18.37 -18.99
C ARG A 741 -15.03 -19.27 -19.36
N LEU A 742 -15.00 -19.67 -20.64
CA LEU A 742 -13.82 -20.27 -21.22
C LEU A 742 -12.75 -19.18 -21.41
N THR A 743 -11.49 -19.60 -21.43
CA THR A 743 -10.38 -18.69 -21.69
C THR A 743 -10.53 -18.08 -23.10
N ARG A 744 -11.13 -18.86 -24.00
CA ARG A 744 -11.66 -18.34 -25.27
C ARG A 744 -10.65 -17.48 -26.04
N ALA A 745 -9.47 -18.05 -26.27
CA ALA A 745 -8.50 -17.45 -27.17
C ALA A 745 -8.23 -18.48 -28.25
N LEU A 746 -7.01 -18.51 -28.77
CA LEU A 746 -6.62 -19.58 -29.69
C LEU A 746 -6.23 -20.85 -28.94
C1 GLC B . 17.32 1.62 -21.37
C2 GLC B . 16.54 1.83 -22.66
C3 GLC B . 17.50 2.05 -23.84
C4 GLC B . 18.46 3.20 -23.54
C5 GLC B . 19.15 3.03 -22.18
C6 GLC B . 19.85 4.34 -21.80
O2 GLC B . 15.68 0.71 -22.91
O3 GLC B . 16.73 2.35 -25.01
O4 GLC B . 19.47 3.27 -24.55
O5 GLC B . 18.23 2.70 -21.14
O6 GLC B . 20.68 4.12 -20.66
C1 GLC B . 18.39 -0.12 -20.12
C2 GLC B . 19.58 -1.08 -20.27
C3 GLC B . 19.16 -2.34 -21.03
C4 GLC B . 17.95 -3.00 -20.37
C5 GLC B . 16.80 -2.00 -20.15
C6 GLC B . 15.67 -2.59 -19.29
O1 GLC B . 18.02 0.36 -21.41
O2 GLC B . 20.68 -0.44 -20.93
O3 GLC B . 20.26 -3.27 -21.04
O4 GLC B . 17.52 -4.11 -21.16
O5 GLC B . 17.27 -0.80 -19.51
O6 GLC B . 16.08 -2.83 -17.93
C1 GLC C . 0.25 0.23 -25.32
C2 GLC C . -0.41 0.15 -26.71
C3 GLC C . -1.51 1.21 -26.85
C4 GLC C . -2.50 1.16 -25.68
C5 GLC C . -1.78 1.12 -24.32
C6 GLC C . -2.74 0.80 -23.18
O2 GLC C . 0.59 0.38 -27.69
O3 GLC C . -2.20 1.02 -28.09
O4 GLC C . -3.38 2.29 -25.74
O5 GLC C . -0.74 0.14 -24.29
O6 GLC C . -3.25 -0.54 -23.35
C1 GLC C . 1.95 1.55 -24.21
C2 GLC C . 2.37 3.02 -24.08
C3 GLC C . 3.04 3.47 -25.38
C4 GLC C . 4.22 2.56 -25.73
C5 GLC C . 3.80 1.09 -25.72
C6 GLC C . 5.02 0.18 -25.82
O1 GLC C . 0.96 1.47 -25.24
O2 GLC C . 1.22 3.83 -23.78
O3 GLC C . 3.49 4.83 -25.31
O4 GLC C . 4.73 2.94 -27.02
O5 GLC C . 3.10 0.75 -24.52
O6 GLC C . 5.84 0.40 -24.66
P 2PO D . -44.28 -20.75 -5.79
O1P 2PO D . -42.62 -20.97 -5.84
O2P 2PO D . -44.92 -19.28 -5.29
O3P 2PO D . -45.29 -22.00 -6.26
#